data_1MMG
#
_entry.id   1MMG
#
_cell.length_a   103.800
_cell.length_b   179.900
_cell.length_c   54.000
_cell.angle_alpha   90.00
_cell.angle_beta   90.00
_cell.angle_gamma   90.00
#
_symmetry.space_group_name_H-M   'P 21 21 2'
#
loop_
_entity.id
_entity.type
_entity.pdbx_description
1 polymer MYOSIN
2 non-polymer 'MAGNESIUM ION'
3 non-polymer 'PHOSPHOTHIOPHOSPHORIC ACID-ADENYLATE ESTER'
4 water water
#
_entity_poly.entity_id   1
_entity_poly.type   'polypeptide(L)'
_entity_poly.pdbx_seq_one_letter_code
;MNPIHDRTSDYHKYLKVKQGDSDLFKLTVSDKRYIWYNPDPKERDSYECGEIVSETSDSFTFKTSDGQDRQVKKDDANQR
NPIKFDGVEDMSELSYLNEPAVFHNLRVRYNQDLIYTYSGLFLVAVNPFKRIPIYTQEMVDIFKGRRRNEVAPHIFAISD
VAYRSMLDDRQNQSLLITGESGAGKTENTKKVIQYLASVAGRNQANGSGVLEQQILQANPILEAFGNAKTTRNNNSSRFG
KFIEIQFNNAGFISGASIQSYLLEKSRVVFQSTTERNYHIFYQLLAGATAEEKKALHLAGPESFNYLNQSGCVDIKGVSD
EDEFKITRQAMDIVGFSQEEQMSIFKIIAGILHLGNIKFEKGAGEGAVLKDKTALNAASTVFGVNPSVLEKALMEPRILA
GRDLVAQHLNVEKSSSSRDALVKALYGRLFLWLVKKINNVLCSERKAYFIGVLDISGFEIFKVNSFEQLCINYTNEKLQQ
FFNHHMFKVEQEEYLKEKINWTFIDFGLDSQATIDLIDGRQPPGILALLDEQSVFPNATDNTLITKLHSHFSKKNAKYEE
PRFSKTEFGVTHYAGQVMYEIQDWLEKNKDPLQQDLELCFKDSSDNVVTKLFNDPNIASRAKKGANFLTVAAQYKEQLAS
LMATLETTNPHFVRCIIPNNKQLPAKLEDKVVLDQLRCNGVLEAIRITRKGFPNRIIYADFVKRYYDLAPNVPRDAEDSQ
KATDAVLKHLNIDPEQFRFGITKIFFRAGQLARIEEARELPN
;
_entity_poly.pdbx_strand_id   A
#
# COMPACT_ATOMS: atom_id res chain seq x y z
N ASN A 2 -10.91 -2.69 -33.99
CA ASN A 2 -10.66 -3.38 -32.74
C ASN A 2 -9.20 -3.34 -32.44
N PRO A 3 -8.92 -2.30 -31.69
CA PRO A 3 -7.62 -1.98 -31.23
C PRO A 3 -6.89 -3.19 -30.68
N ILE A 4 -7.66 -4.18 -30.15
CA ILE A 4 -7.01 -5.39 -29.63
C ILE A 4 -6.47 -6.18 -30.78
N HIS A 5 -7.07 -5.98 -31.95
CA HIS A 5 -6.61 -6.72 -33.07
C HIS A 5 -5.80 -5.86 -34.03
N ASP A 6 -5.97 -4.54 -33.87
CA ASP A 6 -5.24 -3.52 -34.64
C ASP A 6 -3.79 -3.24 -34.08
N ARG A 7 -2.82 -3.98 -34.58
CA ARG A 7 -1.42 -3.93 -34.19
C ARG A 7 -0.77 -2.57 -34.26
N THR A 8 -1.58 -1.60 -34.57
CA THR A 8 -1.07 -0.25 -34.74
C THR A 8 -1.62 0.69 -33.68
N SER A 9 -2.59 0.18 -32.94
CA SER A 9 -3.15 1.05 -31.91
C SER A 9 -2.13 1.33 -30.77
N ASP A 10 -2.40 2.35 -29.97
CA ASP A 10 -1.63 2.66 -28.80
C ASP A 10 -1.74 1.52 -27.78
N TYR A 11 -2.81 0.71 -27.89
CA TYR A 11 -3.06 -0.44 -27.05
C TYR A 11 -1.98 -1.41 -27.34
N HIS A 12 -1.74 -1.52 -28.59
CA HIS A 12 -0.72 -2.44 -28.97
C HIS A 12 0.65 -1.82 -28.64
N LYS A 13 0.79 -0.55 -28.92
CA LYS A 13 2.05 0.18 -28.62
C LYS A 13 2.49 0.14 -27.15
N TYR A 14 1.57 0.50 -26.28
CA TYR A 14 1.91 0.63 -24.90
C TYR A 14 1.60 -0.48 -23.94
N LEU A 15 0.82 -1.48 -24.39
CA LEU A 15 0.37 -2.55 -23.46
C LEU A 15 0.76 -3.92 -23.82
N LYS A 16 1.27 -4.09 -25.05
CA LYS A 16 1.65 -5.43 -25.49
C LYS A 16 3.10 -5.59 -25.89
N VAL A 17 3.62 -6.83 -25.93
CA VAL A 17 4.91 -7.06 -26.47
C VAL A 17 4.68 -7.03 -27.97
N LYS A 18 5.44 -6.23 -28.73
CA LYS A 18 5.23 -6.08 -30.15
C LYS A 18 5.35 -7.37 -30.95
N GLN A 19 4.35 -7.59 -31.83
CA GLN A 19 4.31 -8.82 -32.62
C GLN A 19 4.70 -8.61 -34.07
N GLY A 20 5.52 -9.56 -34.53
CA GLY A 20 5.98 -9.57 -35.89
C GLY A 20 5.06 -10.38 -36.79
N ASP A 21 5.54 -10.67 -37.93
CA ASP A 21 4.80 -11.37 -38.93
C ASP A 21 4.66 -12.82 -38.73
N SER A 22 5.72 -13.43 -38.19
CA SER A 22 5.75 -14.86 -37.93
C SER A 22 5.59 -15.22 -36.46
N ASP A 23 4.91 -16.35 -36.29
CA ASP A 23 4.63 -16.95 -35.00
C ASP A 23 5.26 -18.36 -34.89
N LEU A 24 5.85 -18.74 -36.02
CA LEU A 24 6.51 -20.01 -36.19
C LEU A 24 7.48 -20.33 -35.08
N PHE A 25 7.27 -21.52 -34.54
CA PHE A 25 8.03 -22.11 -33.46
C PHE A 25 9.55 -22.04 -33.70
N LYS A 26 9.94 -22.28 -34.97
CA LYS A 26 11.32 -22.32 -35.41
C LYS A 26 12.21 -21.08 -35.14
N LEU A 27 11.64 -19.85 -35.30
CA LEU A 27 12.42 -18.62 -35.10
C LEU A 27 13.23 -18.62 -33.85
N THR A 28 12.60 -19.12 -32.79
CA THR A 28 13.15 -19.16 -31.46
C THR A 28 14.06 -20.35 -31.26
N VAL A 29 14.31 -21.02 -32.36
CA VAL A 29 15.19 -22.12 -32.25
C VAL A 29 16.61 -21.65 -31.93
N SER A 30 17.21 -22.33 -30.97
CA SER A 30 18.56 -22.13 -30.48
C SER A 30 19.04 -23.45 -29.85
N ASP A 31 20.34 -23.67 -29.89
CA ASP A 31 20.93 -24.88 -29.33
C ASP A 31 21.34 -24.70 -27.83
N LYS A 32 21.84 -23.49 -27.51
CA LYS A 32 22.30 -22.93 -26.24
C LYS A 32 21.32 -22.98 -25.02
N ARG A 33 21.88 -23.26 -23.81
CA ARG A 33 21.14 -23.35 -22.53
C ARG A 33 21.75 -22.44 -21.52
N TYR A 34 20.93 -21.87 -20.64
CA TYR A 34 21.50 -20.94 -19.72
C TYR A 34 21.06 -21.05 -18.29
N ILE A 35 21.78 -20.41 -17.38
CA ILE A 35 21.48 -20.36 -15.94
C ILE A 35 21.57 -18.92 -15.46
N TRP A 36 20.94 -18.64 -14.34
CA TRP A 36 21.11 -17.34 -13.74
C TRP A 36 22.14 -17.53 -12.62
N TYR A 37 23.25 -16.80 -12.63
CA TYR A 37 24.29 -16.95 -11.59
C TYR A 37 24.60 -15.60 -10.97
N ASN A 38 25.21 -15.60 -9.77
CA ASN A 38 25.69 -14.38 -9.11
C ASN A 38 27.19 -14.23 -9.43
N PRO A 39 27.61 -13.13 -10.08
CA PRO A 39 29.03 -12.95 -10.40
C PRO A 39 29.81 -12.53 -9.13
N ASP A 40 29.08 -12.56 -8.04
CA ASP A 40 29.57 -12.21 -6.74
C ASP A 40 28.54 -12.76 -5.77
N PRO A 41 28.93 -13.83 -5.08
CA PRO A 41 28.04 -14.53 -4.19
C PRO A 41 27.71 -13.79 -2.92
N LYS A 42 28.37 -12.66 -2.86
CA LYS A 42 28.19 -11.70 -1.82
C LYS A 42 26.92 -10.90 -2.11
N GLU A 43 26.85 -10.30 -3.32
CA GLU A 43 25.68 -9.58 -3.85
C GLU A 43 24.79 -10.70 -4.45
N ARG A 44 23.83 -11.21 -3.65
CA ARG A 44 22.97 -12.31 -4.07
C ARG A 44 21.85 -11.95 -5.11
N ASP A 45 21.63 -10.67 -5.36
CA ASP A 45 20.57 -10.37 -6.29
C ASP A 45 21.04 -9.90 -7.61
N SER A 46 22.36 -9.96 -7.71
CA SER A 46 23.01 -9.62 -8.95
C SER A 46 23.34 -10.92 -9.64
N TYR A 47 22.66 -11.16 -10.75
CA TYR A 47 22.92 -12.34 -11.53
C TYR A 47 23.34 -11.97 -12.88
N GLU A 48 23.97 -12.94 -13.50
CA GLU A 48 24.40 -12.85 -14.85
C GLU A 48 23.90 -14.15 -15.38
N CYS A 49 23.91 -14.22 -16.72
CA CYS A 49 23.45 -15.39 -17.43
C CYS A 49 24.67 -16.07 -17.93
N GLY A 50 24.72 -17.34 -17.66
CA GLY A 50 25.86 -18.09 -18.06
C GLY A 50 25.40 -19.19 -18.91
N GLU A 51 26.08 -19.38 -20.00
CA GLU A 51 25.64 -20.47 -20.80
C GLU A 51 26.23 -21.71 -20.19
N ILE A 52 25.50 -22.79 -20.30
CA ILE A 52 25.96 -24.03 -19.76
C ILE A 52 26.82 -24.74 -20.80
N VAL A 53 28.10 -24.97 -20.43
CA VAL A 53 29.13 -25.65 -21.22
C VAL A 53 28.91 -27.15 -21.20
N SER A 54 28.59 -27.65 -20.00
CA SER A 54 28.40 -29.07 -19.84
C SER A 54 27.70 -29.44 -18.57
N GLU A 55 27.39 -30.73 -18.56
CA GLU A 55 26.77 -31.37 -17.45
C GLU A 55 27.35 -32.70 -17.07
N THR A 56 27.14 -32.92 -15.80
CA THR A 56 27.49 -34.11 -15.12
C THR A 56 26.18 -34.71 -14.68
N SER A 57 26.25 -35.95 -14.33
CA SER A 57 25.16 -36.72 -13.83
C SER A 57 24.28 -35.97 -12.83
N ASP A 58 24.96 -35.02 -12.10
CA ASP A 58 24.43 -34.21 -10.98
C ASP A 58 24.75 -32.70 -10.91
N SER A 59 25.35 -32.10 -11.93
CA SER A 59 25.68 -30.69 -11.81
C SER A 59 25.73 -30.02 -13.15
N PHE A 60 25.89 -28.73 -13.11
CA PHE A 60 26.05 -28.03 -14.35
C PHE A 60 27.38 -27.28 -14.41
N THR A 61 27.91 -27.15 -15.56
CA THR A 61 29.15 -26.43 -15.57
C THR A 61 29.00 -25.35 -16.61
N PHE A 62 29.01 -24.08 -16.24
CA PHE A 62 28.81 -23.06 -17.28
C PHE A 62 29.89 -21.99 -17.41
N LYS A 63 29.80 -21.19 -18.44
CA LYS A 63 30.80 -20.16 -18.54
C LYS A 63 30.22 -18.83 -18.13
N THR A 64 30.96 -18.12 -17.31
CA THR A 64 30.57 -16.80 -16.88
C THR A 64 30.70 -15.78 -18.00
N SER A 65 30.40 -14.53 -17.64
CA SER A 65 30.51 -13.42 -18.56
C SER A 65 31.97 -13.21 -19.00
N ASP A 66 32.89 -13.28 -18.04
CA ASP A 66 34.33 -13.08 -18.24
C ASP A 66 35.03 -14.20 -18.96
N GLY A 67 34.27 -15.22 -19.37
CA GLY A 67 34.82 -16.35 -20.07
C GLY A 67 35.29 -17.33 -19.02
N GLN A 68 34.90 -17.03 -17.77
CA GLN A 68 35.24 -17.83 -16.62
C GLN A 68 34.27 -19.00 -16.51
N ASP A 69 34.81 -20.19 -16.25
CA ASP A 69 33.96 -21.37 -16.13
C ASP A 69 33.72 -21.78 -14.69
N ARG A 70 32.45 -22.13 -14.42
CA ARG A 70 31.98 -22.57 -13.11
C ARG A 70 31.07 -23.80 -13.17
N GLN A 71 30.92 -24.41 -11.99
CA GLN A 71 30.14 -25.62 -11.85
C GLN A 71 29.08 -25.39 -10.83
N VAL A 72 27.93 -25.99 -11.06
CA VAL A 72 26.84 -25.85 -10.13
C VAL A 72 26.09 -27.14 -10.01
N LYS A 73 25.45 -27.27 -8.86
CA LYS A 73 24.67 -28.44 -8.63
C LYS A 73 23.47 -28.18 -9.43
N LYS A 74 23.13 -29.20 -10.20
CA LYS A 74 21.99 -29.14 -11.05
C LYS A 74 20.85 -28.69 -10.14
N ASP A 75 20.91 -29.25 -8.93
CA ASP A 75 19.89 -28.95 -7.95
C ASP A 75 19.94 -27.56 -7.34
N ASP A 76 20.96 -26.82 -7.70
CA ASP A 76 21.02 -25.49 -7.21
C ASP A 76 20.94 -24.49 -8.33
N ALA A 77 20.78 -25.01 -9.53
CA ALA A 77 20.74 -24.19 -10.69
C ALA A 77 19.47 -23.39 -10.78
N ASN A 78 19.66 -22.12 -11.18
CA ASN A 78 18.60 -21.16 -11.50
C ASN A 78 18.56 -21.13 -13.05
N GLN A 79 17.92 -22.18 -13.57
CA GLN A 79 17.78 -22.34 -14.99
C GLN A 79 17.01 -21.18 -15.60
N ARG A 80 17.48 -20.79 -16.78
CA ARG A 80 16.88 -19.64 -17.43
C ARG A 80 15.78 -20.17 -18.36
N ASN A 81 14.61 -19.52 -18.33
CA ASN A 81 13.52 -19.95 -19.21
C ASN A 81 13.87 -19.76 -20.68
N PRO A 82 13.29 -20.57 -21.54
CA PRO A 82 13.50 -20.37 -23.00
C PRO A 82 13.06 -18.92 -23.38
N ILE A 83 13.79 -18.26 -24.32
CA ILE A 83 13.56 -16.86 -24.76
C ILE A 83 12.12 -16.59 -25.17
N LYS A 84 11.47 -17.62 -25.68
CA LYS A 84 10.09 -17.49 -25.98
C LYS A 84 9.32 -17.00 -24.76
N PHE A 85 9.73 -17.41 -23.55
CA PHE A 85 9.02 -16.98 -22.35
C PHE A 85 9.30 -15.56 -21.98
N ASP A 86 10.32 -14.99 -22.59
CA ASP A 86 10.63 -13.63 -22.19
C ASP A 86 9.56 -12.61 -22.52
N GLY A 87 8.89 -12.08 -21.51
CA GLY A 87 7.86 -11.09 -21.77
C GLY A 87 6.46 -11.63 -21.56
N VAL A 88 6.33 -12.93 -21.17
CA VAL A 88 4.95 -13.40 -20.91
C VAL A 88 4.20 -12.55 -19.93
N GLU A 89 2.90 -12.53 -20.17
CA GLU A 89 2.00 -11.72 -19.41
C GLU A 89 1.69 -12.24 -18.02
N ASP A 90 1.96 -13.52 -17.80
CA ASP A 90 1.73 -14.15 -16.50
C ASP A 90 2.94 -14.98 -16.14
N MET A 91 3.50 -14.63 -14.99
CA MET A 91 4.67 -15.34 -14.52
C MET A 91 4.34 -16.83 -14.37
N SER A 92 3.08 -17.09 -14.22
CA SER A 92 2.58 -18.45 -14.06
C SER A 92 2.83 -19.34 -15.25
N GLU A 93 3.21 -18.67 -16.30
CA GLU A 93 3.47 -19.33 -17.54
C GLU A 93 4.94 -19.71 -17.61
N LEU A 94 5.80 -19.29 -16.68
CA LEU A 94 7.20 -19.67 -16.81
C LEU A 94 7.41 -21.12 -16.40
N SER A 95 8.27 -21.84 -17.09
CA SER A 95 8.55 -23.20 -16.69
C SER A 95 9.45 -23.22 -15.47
N TYR A 96 10.63 -22.53 -15.54
CA TYR A 96 11.61 -22.38 -14.45
C TYR A 96 11.18 -21.18 -13.64
N LEU A 97 10.80 -21.42 -12.39
CA LEU A 97 10.22 -20.35 -11.57
C LEU A 97 11.06 -19.78 -10.42
N ASN A 98 12.33 -19.72 -10.66
CA ASN A 98 13.28 -19.21 -9.74
C ASN A 98 13.20 -17.72 -9.58
N GLU A 99 13.95 -17.19 -8.64
CA GLU A 99 13.93 -15.77 -8.40
C GLU A 99 14.55 -14.95 -9.53
N PRO A 100 15.83 -15.21 -9.96
CA PRO A 100 16.43 -14.37 -11.03
C PRO A 100 15.50 -14.35 -12.29
N ALA A 101 14.87 -15.53 -12.54
CA ALA A 101 13.92 -15.80 -13.63
C ALA A 101 12.69 -14.92 -13.55
N VAL A 102 12.06 -14.83 -12.38
CA VAL A 102 10.93 -13.95 -12.19
C VAL A 102 11.35 -12.51 -12.38
N PHE A 103 12.53 -12.20 -11.86
CA PHE A 103 12.98 -10.84 -12.01
C PHE A 103 13.22 -10.52 -13.52
N HIS A 104 13.81 -11.53 -14.18
CA HIS A 104 14.11 -11.33 -15.57
C HIS A 104 12.84 -11.06 -16.42
N ASN A 105 11.77 -11.77 -16.16
CA ASN A 105 10.56 -11.54 -16.93
C ASN A 105 10.02 -10.16 -16.66
N LEU A 106 10.11 -9.81 -15.40
CA LEU A 106 9.62 -8.51 -15.04
C LEU A 106 10.35 -7.34 -15.71
N ARG A 107 11.68 -7.53 -15.72
CA ARG A 107 12.60 -6.54 -16.31
C ARG A 107 12.44 -6.49 -17.87
N VAL A 108 12.37 -7.68 -18.53
CA VAL A 108 12.13 -7.69 -19.97
C VAL A 108 10.89 -6.77 -20.29
N ARG A 109 9.83 -7.02 -19.53
CA ARG A 109 8.62 -6.25 -19.64
C ARG A 109 8.84 -4.81 -19.33
N TYR A 110 9.43 -4.48 -18.21
CA TYR A 110 9.61 -3.09 -17.85
C TYR A 110 10.48 -2.32 -18.89
N ASN A 111 11.39 -3.04 -19.50
CA ASN A 111 12.29 -2.47 -20.57
C ASN A 111 11.46 -2.02 -21.77
N GLN A 112 10.21 -2.51 -21.95
CA GLN A 112 9.34 -2.11 -23.05
C GLN A 112 8.27 -1.23 -22.52
N ASP A 113 8.50 -0.79 -21.31
CA ASP A 113 7.53 0.05 -20.63
C ASP A 113 6.24 -0.71 -20.32
N LEU A 114 6.33 -2.01 -20.16
CA LEU A 114 5.15 -2.77 -19.76
C LEU A 114 5.24 -2.97 -18.25
N ILE A 115 4.57 -2.11 -17.52
CA ILE A 115 4.60 -2.04 -16.08
C ILE A 115 3.70 -3.02 -15.33
N TYR A 116 2.76 -3.62 -16.00
CA TYR A 116 1.80 -4.58 -15.38
C TYR A 116 2.06 -5.96 -15.89
N THR A 117 2.13 -6.90 -14.92
CA THR A 117 2.39 -8.33 -15.17
C THR A 117 1.67 -9.10 -14.08
N TYR A 118 1.00 -10.22 -14.48
CA TYR A 118 0.35 -11.09 -13.52
C TYR A 118 1.36 -12.07 -12.98
N SER A 119 1.09 -12.45 -11.75
CA SER A 119 1.84 -13.53 -11.13
C SER A 119 0.76 -14.34 -10.42
N GLY A 120 0.18 -15.27 -11.16
CA GLY A 120 -0.94 -16.06 -10.62
C GLY A 120 -2.05 -15.13 -10.27
N LEU A 121 -2.46 -15.19 -9.01
CA LEU A 121 -3.47 -14.30 -8.58
C LEU A 121 -3.03 -12.87 -8.52
N PHE A 122 -1.72 -12.58 -8.54
CA PHE A 122 -1.49 -11.16 -8.41
C PHE A 122 -1.28 -10.41 -9.73
N LEU A 123 -1.51 -9.14 -9.61
CA LEU A 123 -1.19 -8.13 -10.60
C LEU A 123 -0.01 -7.38 -9.99
N VAL A 124 1.07 -7.53 -10.64
CA VAL A 124 2.23 -6.83 -10.23
C VAL A 124 2.35 -5.52 -11.07
N ALA A 125 2.55 -4.43 -10.38
CA ALA A 125 2.65 -3.19 -11.07
C ALA A 125 4.00 -2.51 -10.70
N VAL A 126 4.90 -2.22 -11.64
CA VAL A 126 6.19 -1.51 -11.33
C VAL A 126 6.12 -0.04 -11.71
N ASN A 127 6.34 0.88 -10.74
CA ASN A 127 6.27 2.31 -11.01
C ASN A 127 7.19 2.66 -12.13
N PRO A 128 6.64 3.29 -13.16
CA PRO A 128 7.47 3.67 -14.33
C PRO A 128 8.29 4.97 -14.06
N PHE A 129 7.78 5.79 -13.18
CA PHE A 129 8.39 7.04 -12.88
C PHE A 129 8.40 7.91 -14.09
N LYS A 130 7.37 7.83 -14.90
CA LYS A 130 7.15 8.67 -16.08
C LYS A 130 5.76 8.42 -16.57
N ARG A 131 5.24 9.31 -17.42
CA ARG A 131 3.91 9.13 -17.95
C ARG A 131 3.94 8.15 -19.11
N ILE A 132 2.94 7.23 -19.04
CA ILE A 132 2.53 6.18 -19.99
C ILE A 132 1.06 6.41 -20.25
N PRO A 133 0.69 6.75 -21.51
CA PRO A 133 -0.71 7.11 -21.80
C PRO A 133 -1.63 5.89 -21.97
N ILE A 134 -1.88 5.17 -20.86
CA ILE A 134 -2.69 4.03 -20.90
C ILE A 134 -3.93 4.17 -20.03
N TYR A 135 -4.22 5.39 -19.67
CA TYR A 135 -5.31 5.55 -18.80
C TYR A 135 -6.36 6.43 -19.42
N THR A 136 -6.39 6.52 -20.73
CA THR A 136 -7.34 7.35 -21.42
C THR A 136 -8.69 6.72 -21.44
N GLN A 137 -9.68 7.56 -21.77
CA GLN A 137 -10.99 7.03 -21.88
C GLN A 137 -11.06 5.93 -22.90
N GLU A 138 -10.30 6.12 -23.96
CA GLU A 138 -10.29 5.11 -24.99
C GLU A 138 -9.67 3.88 -24.49
N MET A 139 -8.75 4.05 -23.52
CA MET A 139 -8.10 2.89 -22.92
C MET A 139 -9.13 2.25 -22.00
N VAL A 140 -9.90 3.08 -21.29
CA VAL A 140 -10.95 2.52 -20.44
C VAL A 140 -11.85 1.57 -21.24
N ASP A 141 -12.29 2.11 -22.38
CA ASP A 141 -13.19 1.49 -23.32
C ASP A 141 -12.82 0.14 -23.83
N ILE A 142 -11.55 -0.06 -24.06
CA ILE A 142 -11.08 -1.37 -24.50
C ILE A 142 -11.26 -2.51 -23.47
N PHE A 143 -11.06 -2.22 -22.17
CA PHE A 143 -11.08 -3.29 -21.19
C PHE A 143 -12.51 -3.72 -20.83
N LYS A 144 -13.51 -3.03 -21.36
CA LYS A 144 -14.89 -3.31 -20.98
C LYS A 144 -15.34 -4.68 -21.35
N GLY A 145 -15.65 -5.54 -20.35
CA GLY A 145 -16.15 -6.87 -20.50
C GLY A 145 -15.19 -7.93 -20.94
N ARG A 146 -13.90 -7.60 -20.99
CA ARG A 146 -12.93 -8.60 -21.45
C ARG A 146 -12.34 -9.42 -20.36
N ARG A 147 -12.16 -10.70 -20.62
CA ARG A 147 -11.61 -11.61 -19.64
C ARG A 147 -10.12 -11.29 -19.43
N ARG A 148 -9.60 -11.60 -18.25
CA ARG A 148 -8.22 -11.42 -17.87
C ARG A 148 -7.28 -11.84 -18.99
N ASN A 149 -7.52 -13.05 -19.47
CA ASN A 149 -6.80 -13.72 -20.53
C ASN A 149 -7.13 -13.15 -21.92
N GLU A 150 -8.07 -12.27 -21.98
CA GLU A 150 -8.40 -11.70 -23.27
C GLU A 150 -7.60 -10.39 -23.57
N VAL A 151 -7.18 -9.69 -22.55
CA VAL A 151 -6.49 -8.45 -22.73
C VAL A 151 -5.16 -8.47 -21.97
N ALA A 152 -4.33 -7.47 -22.24
CA ALA A 152 -3.05 -7.28 -21.61
C ALA A 152 -3.25 -7.01 -20.10
N PRO A 153 -2.17 -7.18 -19.30
CA PRO A 153 -2.25 -6.87 -17.90
C PRO A 153 -2.50 -5.40 -17.74
N HIS A 154 -3.32 -5.03 -16.80
CA HIS A 154 -3.63 -3.61 -16.57
C HIS A 154 -4.51 -3.49 -15.31
N ILE A 155 -4.38 -2.39 -14.57
CA ILE A 155 -5.23 -2.11 -13.45
C ILE A 155 -6.73 -2.13 -13.84
N PHE A 156 -6.97 -1.69 -15.05
CA PHE A 156 -8.31 -1.64 -15.64
C PHE A 156 -8.87 -3.02 -15.81
N ALA A 157 -8.01 -3.91 -16.20
CA ALA A 157 -8.40 -5.25 -16.37
C ALA A 157 -8.92 -5.85 -15.05
N ILE A 158 -8.10 -5.75 -14.00
CA ILE A 158 -8.47 -6.24 -12.66
C ILE A 158 -9.82 -5.66 -12.21
N SER A 159 -9.93 -4.34 -12.38
CA SER A 159 -11.13 -3.61 -12.11
C SER A 159 -12.33 -4.20 -12.92
N ASP A 160 -12.15 -4.51 -14.17
CA ASP A 160 -13.25 -5.06 -14.96
C ASP A 160 -13.64 -6.43 -14.45
N VAL A 161 -12.68 -7.26 -14.18
CA VAL A 161 -12.94 -8.60 -13.65
C VAL A 161 -13.74 -8.52 -12.34
N ALA A 162 -13.33 -7.65 -11.47
CA ALA A 162 -14.04 -7.51 -10.25
C ALA A 162 -15.50 -7.06 -10.46
N TYR A 163 -15.71 -6.11 -11.32
CA TYR A 163 -17.04 -5.61 -11.59
C TYR A 163 -17.95 -6.66 -12.23
N ARG A 164 -17.44 -7.49 -13.12
CA ARG A 164 -18.27 -8.49 -13.73
C ARG A 164 -18.57 -9.56 -12.74
N SER A 165 -17.58 -9.80 -11.89
CA SER A 165 -17.72 -10.82 -10.85
C SER A 165 -18.79 -10.45 -9.89
N MET A 166 -18.85 -9.18 -9.63
CA MET A 166 -19.82 -8.66 -8.72
C MET A 166 -21.25 -8.88 -9.29
N LEU A 167 -21.39 -8.56 -10.55
CA LEU A 167 -22.68 -8.64 -11.22
C LEU A 167 -23.06 -10.06 -11.47
N ASP A 168 -22.05 -10.82 -11.81
CA ASP A 168 -22.25 -12.17 -12.09
C ASP A 168 -22.51 -13.02 -10.91
N ASP A 169 -21.72 -12.86 -9.89
CA ASP A 169 -21.80 -13.71 -8.72
C ASP A 169 -22.66 -13.16 -7.63
N ARG A 170 -23.03 -11.94 -7.79
CA ARG A 170 -23.80 -11.24 -6.81
C ARG A 170 -23.12 -11.32 -5.49
N GLN A 171 -21.83 -11.03 -5.54
CA GLN A 171 -20.91 -11.06 -4.40
C GLN A 171 -20.11 -9.79 -4.31
N ASN A 172 -19.93 -9.21 -3.12
CA ASN A 172 -19.09 -8.02 -3.00
C ASN A 172 -17.61 -8.39 -3.33
N GLN A 173 -16.81 -7.38 -3.70
CA GLN A 173 -15.45 -7.64 -4.09
C GLN A 173 -14.52 -6.69 -3.36
N SER A 174 -13.24 -7.08 -3.40
CA SER A 174 -12.21 -6.22 -2.83
C SER A 174 -10.92 -6.18 -3.71
N LEU A 175 -10.28 -4.98 -3.70
CA LEU A 175 -9.00 -4.80 -4.41
C LEU A 175 -8.02 -4.25 -3.37
N LEU A 176 -7.01 -5.11 -3.09
CA LEU A 176 -5.98 -4.80 -2.12
C LEU A 176 -4.70 -4.38 -2.86
N ILE A 177 -4.43 -3.07 -2.71
CA ILE A 177 -3.28 -2.41 -3.39
C ILE A 177 -2.30 -1.93 -2.31
N THR A 178 -1.24 -2.72 -2.23
CA THR A 178 -0.21 -2.51 -1.22
C THR A 178 1.16 -2.42 -1.86
N GLY A 179 2.11 -1.99 -1.02
CA GLY A 179 3.49 -1.88 -1.44
C GLY A 179 4.09 -0.68 -0.81
N GLU A 180 5.37 -0.47 -1.10
CA GLU A 180 6.00 0.67 -0.45
C GLU A 180 5.71 2.06 -0.88
N SER A 181 6.19 3.03 -0.07
CA SER A 181 6.01 4.44 -0.35
C SER A 181 6.53 4.74 -1.74
N GLY A 182 5.75 5.51 -2.50
CA GLY A 182 6.16 5.85 -3.84
C GLY A 182 6.00 4.74 -4.82
N ALA A 183 5.55 3.57 -4.36
CA ALA A 183 5.30 2.44 -5.27
C ALA A 183 4.18 2.69 -6.33
N GLY A 184 3.20 3.59 -6.08
CA GLY A 184 2.11 3.91 -7.00
C GLY A 184 0.75 3.37 -6.57
N LYS A 185 0.55 3.00 -5.31
CA LYS A 185 -0.72 2.50 -4.76
C LYS A 185 -1.86 3.44 -4.99
N THR A 186 -1.59 4.65 -4.68
CA THR A 186 -2.56 5.72 -4.81
C THR A 186 -2.97 5.99 -6.23
N GLU A 187 -1.97 6.06 -7.08
CA GLU A 187 -2.20 6.25 -8.51
C GLU A 187 -3.17 5.13 -9.02
N ASN A 188 -2.83 3.88 -8.75
CA ASN A 188 -3.61 2.78 -9.15
C ASN A 188 -4.97 2.76 -8.54
N THR A 189 -5.07 3.27 -7.35
CA THR A 189 -6.34 3.34 -6.67
C THR A 189 -7.27 4.30 -7.39
N LYS A 190 -6.72 5.45 -7.74
CA LYS A 190 -7.48 6.45 -8.47
C LYS A 190 -7.92 5.91 -9.83
N LYS A 191 -7.16 5.05 -10.43
CA LYS A 191 -7.53 4.48 -11.74
C LYS A 191 -8.64 3.42 -11.61
N VAL A 192 -8.63 2.71 -10.52
CA VAL A 192 -9.68 1.75 -10.28
C VAL A 192 -11.01 2.52 -10.14
N ILE A 193 -10.99 3.62 -9.35
CA ILE A 193 -12.20 4.40 -9.20
C ILE A 193 -12.64 5.03 -10.53
N GLN A 194 -11.65 5.42 -11.35
CA GLN A 194 -11.91 6.10 -12.56
C GLN A 194 -12.61 5.19 -13.47
N TYR A 195 -12.06 4.04 -13.46
CA TYR A 195 -12.61 3.03 -14.28
C TYR A 195 -14.04 2.65 -13.87
N LEU A 196 -14.24 2.43 -12.59
CA LEU A 196 -15.57 2.03 -12.17
C LEU A 196 -16.59 3.08 -12.53
N ALA A 197 -16.21 4.28 -12.28
CA ALA A 197 -17.04 5.44 -12.51
C ALA A 197 -17.51 5.51 -13.93
N SER A 198 -16.70 5.02 -14.84
CA SER A 198 -17.05 5.06 -16.21
C SER A 198 -17.82 3.81 -16.59
N VAL A 199 -17.35 2.67 -16.18
CA VAL A 199 -18.15 1.54 -16.61
C VAL A 199 -19.51 1.41 -15.97
N ALA A 200 -19.74 2.09 -14.85
CA ALA A 200 -20.96 1.90 -14.08
C ALA A 200 -21.63 3.14 -13.63
N GLY A 201 -21.19 4.23 -14.19
CA GLY A 201 -21.73 5.51 -13.78
C GLY A 201 -22.99 5.81 -14.58
N ARG A 202 -23.78 6.71 -13.99
CA ARG A 202 -25.00 7.09 -14.65
C ARG A 202 -24.78 8.06 -15.83
N ASN A 203 -24.60 7.41 -17.00
CA ASN A 203 -24.27 7.98 -18.31
C ASN A 203 -25.04 9.24 -18.71
N GLY A 209 -22.01 12.93 -14.48
CA GLY A 209 -22.70 12.48 -13.30
C GLY A 209 -22.32 13.30 -12.07
N VAL A 210 -23.34 13.63 -11.29
CA VAL A 210 -23.17 14.41 -10.09
C VAL A 210 -22.50 13.65 -8.94
N LEU A 211 -23.07 12.50 -8.62
CA LEU A 211 -22.55 11.64 -7.58
C LEU A 211 -21.17 11.19 -8.01
N GLU A 212 -21.09 10.67 -9.24
CA GLU A 212 -19.82 10.28 -9.80
C GLU A 212 -18.78 11.42 -9.64
N GLN A 213 -19.25 12.63 -9.76
CA GLN A 213 -18.36 13.74 -9.62
C GLN A 213 -17.94 13.94 -8.21
N GLN A 214 -18.89 13.84 -7.34
CA GLN A 214 -18.54 14.06 -5.96
C GLN A 214 -17.64 12.96 -5.44
N ILE A 215 -17.82 11.79 -5.97
CA ILE A 215 -17.01 10.69 -5.57
C ILE A 215 -15.57 10.99 -5.94
N LEU A 216 -15.44 11.43 -7.17
CA LEU A 216 -14.14 11.75 -7.67
C LEU A 216 -13.49 12.87 -6.94
N GLN A 217 -14.27 13.87 -6.62
CA GLN A 217 -13.71 15.01 -5.98
C GLN A 217 -13.37 14.77 -4.55
N ALA A 218 -13.69 13.61 -4.03
CA ALA A 218 -13.39 13.42 -2.65
C ALA A 218 -11.90 13.23 -2.42
N ASN A 219 -11.24 12.47 -3.33
CA ASN A 219 -9.81 12.23 -3.18
C ASN A 219 -9.00 13.46 -2.98
N PRO A 220 -9.07 14.26 -3.95
CA PRO A 220 -8.42 15.53 -4.02
C PRO A 220 -8.47 16.27 -2.72
N ILE A 221 -9.61 16.19 -2.03
CA ILE A 221 -9.80 16.86 -0.78
C ILE A 221 -8.98 16.15 0.33
N LEU A 222 -9.03 14.84 0.32
CA LEU A 222 -8.33 14.07 1.28
C LEU A 222 -6.82 14.20 1.09
N GLU A 223 -6.41 14.32 -0.14
CA GLU A 223 -5.00 14.40 -0.43
C GLU A 223 -4.35 15.67 0.02
N ALA A 224 -5.16 16.70 0.14
CA ALA A 224 -4.65 18.00 0.52
C ALA A 224 -4.37 18.04 1.99
N PHE A 225 -5.22 17.34 2.72
CA PHE A 225 -5.07 17.31 4.14
C PHE A 225 -4.30 16.11 4.61
N GLY A 226 -4.17 15.04 3.80
CA GLY A 226 -3.50 13.83 4.29
C GLY A 226 -2.32 13.40 3.54
N ASN A 227 -1.92 14.23 2.55
CA ASN A 227 -0.75 13.82 1.77
C ASN A 227 0.31 14.90 1.93
N ALA A 228 1.59 14.49 1.76
CA ALA A 228 2.71 15.38 1.91
C ALA A 228 3.89 14.91 1.17
N LYS A 229 4.79 15.86 1.00
CA LYS A 229 6.04 15.57 0.37
C LYS A 229 7.01 14.91 1.37
N THR A 230 7.47 13.72 1.10
CA THR A 230 8.44 13.16 1.94
C THR A 230 9.67 12.93 1.04
N THR A 231 10.69 12.29 1.59
CA THR A 231 11.85 11.98 0.79
C THR A 231 11.65 10.86 -0.24
N ARG A 232 10.67 9.97 -0.03
CA ARG A 232 10.36 8.86 -0.92
C ARG A 232 9.27 9.17 -2.01
N ASN A 233 8.55 10.29 -1.82
CA ASN A 233 7.43 10.61 -2.61
C ASN A 233 6.99 12.03 -2.40
N ASN A 234 6.90 12.71 -3.54
CA ASN A 234 6.39 14.05 -3.52
C ASN A 234 4.93 14.19 -3.10
N ASN A 235 4.21 13.11 -3.25
CA ASN A 235 2.81 13.18 -2.85
C ASN A 235 2.45 11.97 -2.05
N SER A 236 3.14 11.81 -0.92
CA SER A 236 2.93 10.64 -0.09
C SER A 236 1.64 10.67 0.70
N SER A 237 0.93 9.54 0.74
CA SER A 237 -0.28 9.46 1.56
C SER A 237 0.18 9.22 2.98
N ARG A 238 -0.10 10.11 3.90
CA ARG A 238 0.26 9.89 5.31
C ARG A 238 -0.96 9.33 6.10
N PHE A 239 -1.79 8.55 5.40
CA PHE A 239 -2.92 7.87 6.03
C PHE A 239 -3.23 6.68 5.15
N GLY A 240 -3.91 5.67 5.69
CA GLY A 240 -4.33 4.51 4.92
C GLY A 240 -5.84 4.70 4.70
N LYS A 241 -6.29 4.00 3.63
CA LYS A 241 -7.71 4.16 3.37
C LYS A 241 -8.34 2.93 2.74
N PHE A 242 -9.65 2.85 3.02
CA PHE A 242 -10.44 1.78 2.45
C PHE A 242 -11.66 2.43 1.86
N ILE A 243 -11.75 2.34 0.52
CA ILE A 243 -12.86 3.00 -0.20
C ILE A 243 -13.91 1.99 -0.63
N GLU A 244 -15.14 2.27 -0.21
CA GLU A 244 -16.17 1.41 -0.62
C GLU A 244 -17.00 2.07 -1.73
N ILE A 245 -16.92 1.49 -2.92
CA ILE A 245 -17.71 1.93 -4.06
C ILE A 245 -18.98 1.09 -4.06
N GLN A 246 -20.13 1.77 -3.78
CA GLN A 246 -21.50 1.19 -3.65
C GLN A 246 -22.24 1.13 -4.97
N PHE A 247 -22.90 0.00 -5.25
CA PHE A 247 -23.65 -0.15 -6.52
C PHE A 247 -25.06 -0.61 -6.24
N ASN A 248 -26.00 -0.34 -7.12
CA ASN A 248 -27.35 -0.87 -6.90
C ASN A 248 -27.45 -2.21 -7.58
N ASN A 249 -28.55 -2.92 -7.45
CA ASN A 249 -28.73 -4.29 -7.97
C ASN A 249 -28.49 -4.38 -9.46
N ALA A 250 -28.64 -3.25 -10.08
CA ALA A 250 -28.47 -3.19 -11.53
C ALA A 250 -27.04 -2.97 -11.97
N GLY A 251 -26.18 -2.63 -11.02
CA GLY A 251 -24.79 -2.41 -11.33
C GLY A 251 -24.41 -0.95 -11.52
N PHE A 252 -25.23 -0.02 -11.09
CA PHE A 252 -24.83 1.34 -11.22
C PHE A 252 -24.36 1.81 -9.91
N ILE A 253 -23.42 2.76 -9.99
CA ILE A 253 -22.82 3.32 -8.78
C ILE A 253 -23.86 3.99 -8.02
N SER A 254 -23.98 3.65 -6.77
CA SER A 254 -25.01 4.23 -5.95
C SER A 254 -24.51 5.11 -4.83
N GLY A 255 -23.25 4.99 -4.48
CA GLY A 255 -22.76 5.81 -3.38
C GLY A 255 -21.29 5.43 -3.13
N ALA A 256 -20.81 5.83 -1.95
CA ALA A 256 -19.49 5.45 -1.46
C ALA A 256 -19.27 5.85 -0.03
N SER A 257 -18.30 5.17 0.54
CA SER A 257 -17.85 5.48 1.88
C SER A 257 -16.34 5.24 1.94
N ILE A 258 -15.73 6.08 2.80
CA ILE A 258 -14.30 5.99 3.01
C ILE A 258 -13.97 5.80 4.44
N GLN A 259 -13.02 4.90 4.63
CA GLN A 259 -12.49 4.75 5.94
C GLN A 259 -10.98 5.12 5.90
N SER A 260 -10.52 6.06 6.81
CA SER A 260 -9.12 6.48 6.96
C SER A 260 -8.46 5.87 8.20
N TYR A 261 -7.15 5.60 8.12
CA TYR A 261 -6.45 4.98 9.25
C TYR A 261 -5.10 5.60 9.43
N LEU A 262 -4.64 5.58 10.67
CA LEU A 262 -3.26 6.00 10.99
C LEU A 262 -2.75 7.31 10.40
N LEU A 263 -3.49 8.38 10.48
CA LEU A 263 -3.02 9.62 9.92
C LEU A 263 -1.76 10.08 10.70
N GLU A 264 -0.70 10.53 10.01
CA GLU A 264 0.54 10.99 10.66
C GLU A 264 0.44 12.39 11.24
N LYS A 265 -0.25 12.52 12.39
CA LYS A 265 -0.48 13.81 13.05
C LYS A 265 0.83 14.51 13.42
N SER A 266 1.82 13.72 13.70
CA SER A 266 3.12 14.27 14.05
C SER A 266 3.70 15.28 12.99
N ARG A 267 3.54 14.92 11.73
CA ARG A 267 4.07 15.74 10.68
C ARG A 267 3.55 17.10 10.76
N VAL A 268 2.41 17.24 11.41
CA VAL A 268 1.90 18.60 11.50
C VAL A 268 2.89 19.53 12.27
N VAL A 269 3.56 19.04 13.31
CA VAL A 269 4.42 19.84 14.15
C VAL A 269 5.92 19.67 13.85
N PHE A 270 6.25 18.66 13.09
CA PHE A 270 7.60 18.39 12.73
C PHE A 270 7.77 17.71 11.40
N GLN A 271 8.71 18.19 10.57
CA GLN A 271 9.04 17.51 9.33
C GLN A 271 10.56 17.31 9.18
N SER A 272 10.98 16.15 8.67
CA SER A 272 12.40 15.88 8.44
C SER A 272 12.92 16.84 7.36
N THR A 273 14.21 16.97 7.31
CA THR A 273 14.70 17.87 6.29
C THR A 273 14.43 17.38 4.85
N THR A 274 13.99 18.40 4.08
CA THR A 274 13.63 18.32 2.65
C THR A 274 12.13 17.97 2.47
N GLU A 275 11.51 17.51 3.55
CA GLU A 275 10.07 17.12 3.57
C GLU A 275 9.22 18.31 3.75
N ARG A 276 7.91 18.16 3.49
CA ARG A 276 7.05 19.29 3.73
C ARG A 276 6.01 18.85 4.72
N ASN A 277 5.27 19.78 5.29
CA ASN A 277 4.12 19.46 6.12
C ASN A 277 3.00 19.05 5.11
N TYR A 278 1.76 18.76 5.54
CA TYR A 278 0.66 18.46 4.60
C TYR A 278 0.46 19.62 3.57
N HIS A 279 0.11 19.29 2.33
CA HIS A 279 -0.08 20.24 1.21
C HIS A 279 -0.90 21.48 1.51
N ILE A 280 -1.99 21.27 2.25
CA ILE A 280 -2.97 22.26 2.61
C ILE A 280 -2.39 23.53 3.18
N PHE A 281 -1.39 23.35 3.99
CA PHE A 281 -0.78 24.50 4.60
C PHE A 281 -0.26 25.46 3.55
N TYR A 282 0.43 24.87 2.59
CA TYR A 282 1.05 25.55 1.47
C TYR A 282 0.06 25.99 0.44
N GLN A 283 -1.03 25.27 0.32
CA GLN A 283 -2.04 25.65 -0.63
C GLN A 283 -2.76 26.89 -0.12
N LEU A 284 -3.00 26.87 1.17
CA LEU A 284 -3.67 28.01 1.74
C LEU A 284 -2.84 29.29 1.64
N LEU A 285 -1.57 29.17 2.06
CA LEU A 285 -0.58 30.22 2.15
C LEU A 285 -0.27 30.88 0.80
N ALA A 286 -0.33 30.06 -0.25
CA ALA A 286 -0.08 30.50 -1.61
C ALA A 286 -1.36 30.83 -2.33
N GLY A 287 -2.50 30.24 -1.90
CA GLY A 287 -3.78 30.46 -2.56
C GLY A 287 -4.81 31.43 -1.94
N ALA A 288 -4.72 31.75 -0.64
CA ALA A 288 -5.67 32.65 0.01
C ALA A 288 -5.71 34.06 -0.67
N THR A 289 -6.87 34.70 -0.71
CA THR A 289 -6.93 36.01 -1.32
C THR A 289 -6.18 36.97 -0.45
N ALA A 290 -5.48 37.94 -1.04
CA ALA A 290 -4.75 38.93 -0.25
C ALA A 290 -5.57 39.41 0.91
N GLU A 291 -6.89 39.16 0.77
CA GLU A 291 -7.97 39.47 1.69
C GLU A 291 -8.08 38.49 2.82
N GLU A 292 -8.08 37.18 2.49
CA GLU A 292 -8.24 36.19 3.54
C GLU A 292 -7.00 36.14 4.40
N LYS A 293 -5.89 36.52 3.76
CA LYS A 293 -4.62 36.51 4.42
C LYS A 293 -4.69 37.31 5.68
N LYS A 294 -5.01 38.57 5.48
CA LYS A 294 -5.15 39.52 6.57
C LYS A 294 -6.24 39.06 7.54
N ALA A 295 -7.29 38.49 7.00
CA ALA A 295 -8.34 38.06 7.86
C ALA A 295 -7.85 36.88 8.66
N LEU A 296 -6.82 36.20 8.11
CA LEU A 296 -6.29 35.03 8.76
C LEU A 296 -4.95 35.25 9.41
N HIS A 297 -4.49 36.47 9.27
CA HIS A 297 -3.25 36.78 9.87
C HIS A 297 -2.13 36.01 9.23
N LEU A 298 -2.36 35.76 7.95
CA LEU A 298 -1.40 34.98 7.22
C LEU A 298 -0.13 35.62 6.77
N ALA A 299 0.81 34.78 6.43
CA ALA A 299 2.12 35.19 5.97
C ALA A 299 2.77 34.09 5.13
N GLY A 300 4.07 34.22 4.96
CA GLY A 300 4.76 33.22 4.24
C GLY A 300 4.91 32.00 5.12
N PRO A 301 5.44 30.98 4.53
CA PRO A 301 5.73 29.76 5.22
C PRO A 301 6.97 29.93 6.08
N GLU A 302 7.80 30.81 5.55
CA GLU A 302 9.04 31.08 6.17
C GLU A 302 8.74 31.71 7.50
N SER A 303 7.60 32.35 7.55
CA SER A 303 7.13 32.96 8.75
C SER A 303 6.50 31.97 9.76
N PHE A 304 6.41 30.68 9.47
CA PHE A 304 5.76 29.79 10.44
C PHE A 304 6.64 28.69 10.81
N ASN A 305 6.77 28.48 12.12
CA ASN A 305 7.62 27.45 12.68
C ASN A 305 7.33 26.04 12.19
N TYR A 306 6.04 25.78 11.98
CA TYR A 306 5.58 24.48 11.53
C TYR A 306 5.87 24.26 10.03
N LEU A 307 6.29 25.33 9.29
CA LEU A 307 6.61 25.26 7.84
C LEU A 307 8.01 25.72 7.46
N ASN A 308 8.69 26.36 8.38
CA ASN A 308 9.99 26.88 8.09
C ASN A 308 11.15 26.05 8.59
N GLN A 309 10.92 24.81 8.96
CA GLN A 309 12.00 24.00 9.44
C GLN A 309 12.66 23.01 8.47
N SER A 310 11.92 22.40 7.53
CA SER A 310 12.52 21.36 6.70
C SER A 310 13.37 21.97 5.63
N GLY A 311 13.20 23.26 5.43
CA GLY A 311 13.97 23.79 4.36
C GLY A 311 13.24 23.62 3.04
N CYS A 312 12.30 22.72 3.04
CA CYS A 312 11.56 22.59 1.81
C CYS A 312 10.15 23.21 1.95
N VAL A 313 9.83 24.18 1.09
CA VAL A 313 8.50 24.79 1.15
C VAL A 313 7.78 24.65 -0.19
N ASP A 314 8.50 24.07 -1.15
CA ASP A 314 7.94 23.87 -2.47
C ASP A 314 8.30 22.55 -3.16
N ILE A 315 7.36 22.07 -4.00
CA ILE A 315 7.52 20.81 -4.72
C ILE A 315 7.73 21.07 -6.16
N LYS A 316 8.77 20.44 -6.66
CA LYS A 316 9.08 20.60 -8.03
C LYS A 316 7.89 20.35 -8.94
N GLY A 317 7.67 21.38 -9.76
CA GLY A 317 6.64 21.34 -10.73
C GLY A 317 5.30 21.18 -10.12
N VAL A 318 5.12 21.99 -9.11
CA VAL A 318 3.89 21.99 -8.43
C VAL A 318 3.56 23.41 -7.95
N SER A 319 2.27 23.83 -8.17
CA SER A 319 1.72 25.16 -7.80
C SER A 319 0.70 25.03 -6.69
N ASP A 320 1.09 25.38 -5.47
CA ASP A 320 0.18 25.29 -4.35
C ASP A 320 -1.08 26.11 -4.55
N GLU A 321 -0.91 27.24 -5.20
CA GLU A 321 -2.02 28.14 -5.43
C GLU A 321 -2.99 27.55 -6.41
N ASP A 322 -2.40 26.93 -7.42
CA ASP A 322 -3.16 26.28 -8.46
C ASP A 322 -3.89 25.07 -7.87
N GLU A 323 -3.23 24.41 -6.91
CA GLU A 323 -3.72 23.23 -6.19
C GLU A 323 -4.79 23.60 -5.19
N PHE A 324 -4.65 24.81 -4.64
CA PHE A 324 -5.63 25.37 -3.72
C PHE A 324 -7.02 25.53 -4.36
N LYS A 325 -6.95 26.04 -5.59
CA LYS A 325 -8.10 26.29 -6.45
C LYS A 325 -8.86 24.99 -6.60
N ILE A 326 -8.06 24.00 -7.02
CA ILE A 326 -8.52 22.70 -7.22
C ILE A 326 -9.14 22.15 -5.97
N THR A 327 -8.46 22.36 -4.87
CA THR A 327 -8.95 21.88 -3.62
C THR A 327 -10.24 22.55 -3.22
N ARG A 328 -10.19 23.82 -3.39
CA ARG A 328 -11.35 24.59 -3.06
C ARG A 328 -12.48 24.18 -4.00
N GLN A 329 -12.12 23.84 -5.21
CA GLN A 329 -13.11 23.43 -6.15
C GLN A 329 -13.84 22.16 -5.77
N ALA A 330 -13.09 21.20 -5.34
CA ALA A 330 -13.70 19.94 -4.93
C ALA A 330 -14.60 20.13 -3.71
N MET A 331 -14.20 20.99 -2.79
CA MET A 331 -15.02 21.19 -1.60
C MET A 331 -16.38 21.64 -1.98
N ASP A 332 -16.37 22.45 -3.02
CA ASP A 332 -17.55 23.02 -3.62
C ASP A 332 -18.49 21.91 -4.12
N ILE A 333 -17.91 21.09 -4.99
CA ILE A 333 -18.62 20.01 -5.59
C ILE A 333 -19.23 19.06 -4.58
N VAL A 334 -18.36 18.54 -3.75
CA VAL A 334 -18.82 17.64 -2.73
C VAL A 334 -19.91 18.39 -1.97
N GLY A 335 -19.73 19.69 -1.78
CA GLY A 335 -20.77 20.42 -1.10
C GLY A 335 -20.40 21.06 0.20
N PHE A 336 -19.18 21.52 0.30
CA PHE A 336 -18.87 22.17 1.56
C PHE A 336 -19.29 23.64 1.49
N SER A 337 -20.01 24.06 2.50
CA SER A 337 -20.42 25.43 2.53
C SER A 337 -19.25 26.31 2.76
N GLN A 338 -19.43 27.52 2.33
CA GLN A 338 -18.46 28.59 2.36
C GLN A 338 -17.98 28.83 3.75
N GLU A 339 -18.94 28.65 4.64
CA GLU A 339 -18.77 28.77 6.05
C GLU A 339 -17.89 27.62 6.49
N GLU A 340 -18.27 26.45 6.03
CA GLU A 340 -17.48 25.33 6.42
C GLU A 340 -16.12 25.53 5.90
N GLN A 341 -16.05 25.88 4.64
CA GLN A 341 -14.77 26.09 4.06
C GLN A 341 -13.88 27.08 4.82
N MET A 342 -14.45 28.19 5.20
CA MET A 342 -13.72 29.22 5.91
C MET A 342 -13.19 28.71 7.23
N SER A 343 -14.10 28.07 7.94
CA SER A 343 -13.80 27.50 9.21
C SER A 343 -12.69 26.45 9.15
N ILE A 344 -12.68 25.63 8.09
CA ILE A 344 -11.65 24.62 7.88
C ILE A 344 -10.31 25.38 7.75
N PHE A 345 -10.33 26.50 7.02
CA PHE A 345 -9.15 27.31 6.79
C PHE A 345 -8.71 28.01 8.01
N LYS A 346 -9.71 28.40 8.72
CA LYS A 346 -9.45 29.07 9.96
C LYS A 346 -8.64 28.16 10.88
N ILE A 347 -8.94 26.87 10.82
CA ILE A 347 -8.31 25.86 11.63
C ILE A 347 -6.90 25.61 11.17
N ILE A 348 -6.77 25.55 9.88
CA ILE A 348 -5.49 25.37 9.28
C ILE A 348 -4.62 26.53 9.73
N ALA A 349 -5.25 27.70 9.77
CA ALA A 349 -4.59 28.93 10.14
C ALA A 349 -4.21 28.94 11.59
N GLY A 350 -5.20 28.73 12.45
CA GLY A 350 -4.94 28.69 13.89
C GLY A 350 -3.79 27.76 14.27
N ILE A 351 -3.80 26.58 13.67
CA ILE A 351 -2.78 25.59 13.96
C ILE A 351 -1.46 26.25 13.67
N LEU A 352 -1.41 26.96 12.56
CA LEU A 352 -0.18 27.64 12.18
C LEU A 352 0.26 28.61 13.28
N HIS A 353 -0.69 29.35 13.80
CA HIS A 353 -0.47 30.31 14.88
C HIS A 353 0.00 29.64 16.15
N LEU A 354 -0.65 28.52 16.52
CA LEU A 354 -0.27 27.82 17.73
C LEU A 354 1.14 27.43 17.64
N GLY A 355 1.54 27.12 16.45
CA GLY A 355 2.90 26.69 16.29
C GLY A 355 3.90 27.82 16.53
N ASN A 356 3.40 29.04 16.40
CA ASN A 356 4.25 30.18 16.54
C ASN A 356 4.32 30.70 17.92
N ILE A 357 3.70 30.00 18.84
CA ILE A 357 3.74 30.37 20.23
C ILE A 357 5.10 30.05 20.84
N LYS A 358 5.72 31.09 21.41
CA LYS A 358 6.98 30.87 22.10
C LYS A 358 6.85 30.94 23.58
N PHE A 359 7.31 29.89 24.21
CA PHE A 359 7.26 29.89 25.62
C PHE A 359 8.61 30.25 26.18
N GLU A 360 8.64 31.12 27.19
CA GLU A 360 9.91 31.38 27.84
C GLU A 360 9.79 31.02 29.32
N LYS A 361 10.94 30.98 30.01
CA LYS A 361 10.96 30.67 31.44
C LYS A 361 11.17 31.94 32.21
N GLY A 362 12.28 31.84 32.98
CA GLY A 362 12.81 32.88 33.86
C GLY A 362 12.16 32.91 35.24
N ALA A 363 10.97 33.58 35.26
CA ALA A 363 10.11 33.77 36.42
C ALA A 363 10.70 32.95 37.56
N GLY A 364 10.63 31.63 37.32
CA GLY A 364 11.15 30.58 38.16
C GLY A 364 11.52 29.41 37.28
N GLU A 365 10.56 28.48 37.16
CA GLU A 365 10.72 27.28 36.33
C GLU A 365 9.50 27.07 35.44
N GLY A 366 8.40 27.71 35.86
CA GLY A 366 7.16 27.67 35.13
C GLY A 366 7.36 28.50 33.88
N ALA A 367 6.49 28.29 32.90
CA ALA A 367 6.61 29.00 31.66
C ALA A 367 5.74 30.21 31.60
N VAL A 368 6.11 31.11 30.68
CA VAL A 368 5.35 32.31 30.46
C VAL A 368 5.34 32.78 29.00
N LEU A 369 4.31 33.58 28.69
CA LEU A 369 4.11 34.14 27.40
C LEU A 369 4.36 35.64 27.44
N LYS A 370 5.60 36.05 27.34
CA LYS A 370 5.84 37.48 27.40
C LYS A 370 5.08 38.20 26.26
N ASP A 371 5.12 37.57 25.07
CA ASP A 371 4.46 38.01 23.82
C ASP A 371 3.26 37.11 23.57
N LYS A 372 2.17 37.79 23.28
CA LYS A 372 0.93 37.13 23.07
C LYS A 372 0.41 37.28 21.67
N THR A 373 1.22 37.72 20.73
CA THR A 373 0.68 37.86 19.38
C THR A 373 0.07 36.57 18.84
N ALA A 374 0.92 35.53 18.77
CA ALA A 374 0.50 34.22 18.25
C ALA A 374 -0.73 33.73 18.96
N LEU A 375 -0.63 33.73 20.28
CA LEU A 375 -1.76 33.28 21.04
C LEU A 375 -3.04 33.95 20.54
N ASN A 376 -2.97 35.26 20.46
CA ASN A 376 -4.11 36.06 20.06
C ASN A 376 -4.67 35.65 18.75
N ALA A 377 -3.79 35.39 17.83
CA ALA A 377 -4.17 35.00 16.50
C ALA A 377 -4.82 33.62 16.48
N ALA A 378 -4.19 32.67 17.12
CA ALA A 378 -4.77 31.38 17.13
C ALA A 378 -6.17 31.50 17.73
N SER A 379 -6.28 32.00 18.95
CA SER A 379 -7.60 32.12 19.63
C SER A 379 -8.60 32.80 18.77
N THR A 380 -8.11 33.84 18.16
CA THR A 380 -8.97 34.57 17.30
C THR A 380 -9.60 33.67 16.25
N VAL A 381 -8.78 33.00 15.42
CA VAL A 381 -9.27 32.13 14.36
C VAL A 381 -10.13 30.97 14.81
N PHE A 382 -9.82 30.46 16.02
CA PHE A 382 -10.52 29.31 16.61
C PHE A 382 -11.81 29.71 17.20
N GLY A 383 -11.76 30.92 17.75
CA GLY A 383 -12.95 31.44 18.38
C GLY A 383 -13.08 31.00 19.84
N VAL A 384 -11.92 30.77 20.47
CA VAL A 384 -11.82 30.38 21.87
C VAL A 384 -11.34 31.59 22.73
N ASN A 385 -11.24 31.46 24.05
CA ASN A 385 -10.78 32.61 24.85
C ASN A 385 -9.26 32.64 25.27
N PRO A 386 -8.47 33.46 24.59
CA PRO A 386 -7.02 33.60 24.79
C PRO A 386 -6.49 33.38 26.18
N SER A 387 -7.18 33.96 27.12
CA SER A 387 -6.72 33.85 28.50
C SER A 387 -6.92 32.43 29.03
N VAL A 388 -7.97 31.82 28.50
CA VAL A 388 -8.32 30.46 28.89
C VAL A 388 -7.37 29.53 28.17
N LEU A 389 -7.07 29.91 26.96
CA LEU A 389 -6.16 29.15 26.19
C LEU A 389 -4.82 29.15 26.92
N GLU A 390 -4.39 30.36 27.23
CA GLU A 390 -3.16 30.59 27.89
C GLU A 390 -2.99 29.72 29.10
N LYS A 391 -4.04 29.73 29.87
CA LYS A 391 -4.01 28.99 31.10
C LYS A 391 -4.02 27.51 30.92
N ALA A 392 -4.90 27.09 30.01
CA ALA A 392 -5.03 25.68 29.69
C ALA A 392 -3.71 25.12 29.18
N LEU A 393 -2.86 25.96 28.55
CA LEU A 393 -1.56 25.55 28.05
C LEU A 393 -0.47 25.51 29.10
N MET A 394 -0.38 26.58 29.87
CA MET A 394 0.65 26.60 30.87
C MET A 394 0.23 26.27 32.28
N GLU A 395 -1.04 26.30 32.53
CA GLU A 395 -1.42 26.00 33.88
C GLU A 395 -2.62 25.10 33.97
N PRO A 396 -2.51 23.93 33.39
CA PRO A 396 -3.63 23.03 33.42
C PRO A 396 -3.96 22.51 34.79
N ARG A 397 -5.26 22.42 35.06
CA ARG A 397 -5.74 21.87 36.31
C ARG A 397 -5.59 20.36 36.26
N ILE A 398 -4.96 19.78 37.26
CA ILE A 398 -4.78 18.36 37.20
C ILE A 398 -5.18 17.71 38.50
N LEU A 399 -5.92 16.61 38.32
CA LEU A 399 -6.47 15.76 39.36
C LEU A 399 -5.47 14.95 40.21
N ALA A 400 -5.28 15.34 41.46
CA ALA A 400 -4.42 14.57 42.33
C ALA A 400 -5.31 13.71 43.22
N GLY A 401 -6.44 13.35 42.64
CA GLY A 401 -7.37 12.53 43.37
C GLY A 401 -8.58 13.28 43.82
N ARG A 402 -8.44 13.86 45.01
CA ARG A 402 -9.57 14.59 45.51
C ARG A 402 -9.51 15.90 44.82
N ASP A 403 -8.30 16.37 44.90
CA ASP A 403 -7.89 17.63 44.42
C ASP A 403 -7.80 17.80 42.95
N LEU A 404 -8.31 18.91 42.56
CA LEU A 404 -8.17 19.34 41.22
C LEU A 404 -7.37 20.64 41.28
N VAL A 405 -6.06 20.52 41.07
CA VAL A 405 -5.16 21.65 41.13
C VAL A 405 -4.41 21.95 39.82
N ALA A 406 -4.40 23.22 39.53
CA ALA A 406 -3.74 23.77 38.40
C ALA A 406 -2.25 23.62 38.50
N GLN A 407 -1.65 23.06 37.47
CA GLN A 407 -0.22 22.93 37.47
C GLN A 407 0.40 23.97 36.54
N HIS A 408 1.46 24.52 37.00
CA HIS A 408 2.12 25.47 36.19
C HIS A 408 3.17 24.73 35.38
N LEU A 409 2.95 24.58 34.09
CA LEU A 409 3.93 23.87 33.31
C LEU A 409 5.11 24.70 32.90
N ASN A 410 6.22 23.97 32.88
CA ASN A 410 7.47 24.52 32.43
C ASN A 410 7.39 24.73 30.95
N VAL A 411 8.51 25.12 30.38
CA VAL A 411 8.56 25.42 28.97
C VAL A 411 8.38 24.22 28.00
N GLU A 412 9.22 23.23 28.15
CA GLU A 412 9.12 22.10 27.29
C GLU A 412 7.78 21.43 27.41
N LYS A 413 7.36 21.21 28.64
CA LYS A 413 6.10 20.54 28.90
C LYS A 413 4.99 21.40 28.31
N SER A 414 5.15 22.69 28.44
CA SER A 414 4.15 23.55 27.93
C SER A 414 4.04 23.36 26.41
N SER A 415 5.20 23.19 25.84
CA SER A 415 5.35 23.09 24.42
C SER A 415 4.77 21.84 23.79
N SER A 416 4.99 20.75 24.52
CA SER A 416 4.55 19.44 24.17
C SER A 416 3.04 19.41 24.14
N SER A 417 2.42 20.22 25.02
CA SER A 417 0.97 20.38 25.17
C SER A 417 0.32 21.14 24.01
N ARG A 418 0.95 22.24 23.65
CA ARG A 418 0.51 22.98 22.52
C ARG A 418 0.59 22.05 21.29
N ASP A 419 1.62 21.23 21.23
CA ASP A 419 1.78 20.35 20.13
C ASP A 419 0.69 19.31 20.09
N ALA A 420 0.39 18.82 21.30
CA ALA A 420 -0.70 17.86 21.46
C ALA A 420 -2.03 18.49 20.99
N LEU A 421 -2.25 19.78 21.30
CA LEU A 421 -3.48 20.47 20.91
C LEU A 421 -3.57 20.50 19.38
N VAL A 422 -2.48 20.89 18.80
CA VAL A 422 -2.39 20.96 17.38
C VAL A 422 -2.73 19.60 16.73
N LYS A 423 -2.06 18.54 17.17
CA LYS A 423 -2.31 17.22 16.60
C LYS A 423 -3.74 16.78 16.68
N ALA A 424 -4.42 17.11 17.79
CA ALA A 424 -5.84 16.75 18.00
C ALA A 424 -6.72 17.52 17.07
N LEU A 425 -6.35 18.77 16.89
CA LEU A 425 -7.10 19.62 16.01
C LEU A 425 -7.06 19.04 14.62
N TYR A 426 -5.84 18.79 14.13
CA TYR A 426 -5.59 18.17 12.83
C TYR A 426 -6.27 16.81 12.62
N GLY A 427 -6.02 15.92 13.53
CA GLY A 427 -6.57 14.58 13.45
C GLY A 427 -8.08 14.59 13.48
N ARG A 428 -8.61 15.43 14.35
CA ARG A 428 -10.07 15.55 14.46
C ARG A 428 -10.69 16.19 13.22
N LEU A 429 -10.05 17.24 12.72
CA LEU A 429 -10.50 17.87 11.51
C LEU A 429 -10.52 16.86 10.36
N PHE A 430 -9.49 16.06 10.26
CA PHE A 430 -9.42 15.12 9.23
C PHE A 430 -10.56 14.15 9.33
N LEU A 431 -10.82 13.67 10.52
CA LEU A 431 -11.95 12.71 10.76
C LEU A 431 -13.29 13.29 10.29
N TRP A 432 -13.49 14.53 10.68
CA TRP A 432 -14.62 15.38 10.35
C TRP A 432 -14.74 15.56 8.83
N LEU A 433 -13.66 15.83 8.14
CA LEU A 433 -13.77 15.99 6.71
C LEU A 433 -14.27 14.70 6.17
N VAL A 434 -13.70 13.61 6.66
CA VAL A 434 -14.08 12.30 6.19
C VAL A 434 -15.55 12.02 6.40
N LYS A 435 -16.04 12.30 7.60
CA LYS A 435 -17.43 12.01 7.93
C LYS A 435 -18.34 12.90 7.08
N LYS A 436 -17.91 14.13 6.90
CA LYS A 436 -18.63 15.10 6.08
C LYS A 436 -18.83 14.48 4.69
N ILE A 437 -17.76 14.04 4.06
CA ILE A 437 -17.84 13.46 2.74
C ILE A 437 -18.71 12.21 2.67
N ASN A 438 -18.65 11.41 3.69
CA ASN A 438 -19.37 10.21 3.68
C ASN A 438 -20.84 10.47 3.73
N ASN A 439 -21.18 11.49 4.46
CA ASN A 439 -22.57 11.91 4.59
C ASN A 439 -23.17 12.12 3.23
N VAL A 440 -22.44 12.88 2.51
CA VAL A 440 -22.79 13.15 1.17
C VAL A 440 -22.75 11.94 0.31
N LEU A 441 -21.69 11.19 0.34
CA LEU A 441 -21.59 10.14 -0.62
C LEU A 441 -22.27 8.82 -0.30
N CYS A 442 -22.25 8.54 0.98
CA CYS A 442 -22.68 7.26 1.45
C CYS A 442 -24.12 6.92 1.37
N SER A 443 -24.38 5.63 0.99
CA SER A 443 -25.70 4.98 0.90
C SER A 443 -25.90 3.91 1.97
N GLU A 444 -26.91 4.13 2.83
CA GLU A 444 -27.26 3.23 3.93
C GLU A 444 -27.59 1.87 3.31
N ARG A 445 -28.57 2.01 2.45
CA ARG A 445 -29.11 0.94 1.67
C ARG A 445 -28.43 0.92 0.33
N LYS A 446 -27.58 -0.09 0.16
CA LYS A 446 -26.88 -0.37 -1.09
C LYS A 446 -26.97 -1.86 -1.29
N ALA A 447 -26.88 -2.25 -2.57
CA ALA A 447 -26.93 -3.66 -2.85
C ALA A 447 -25.57 -4.38 -2.80
N TYR A 448 -24.57 -3.83 -3.51
CA TYR A 448 -23.24 -4.45 -3.60
C TYR A 448 -22.17 -3.37 -3.39
N PHE A 449 -20.95 -3.83 -3.27
CA PHE A 449 -19.85 -2.85 -3.15
C PHE A 449 -18.58 -3.53 -3.62
N ILE A 450 -17.68 -2.68 -3.99
CA ILE A 450 -16.34 -3.07 -4.42
C ILE A 450 -15.42 -2.12 -3.61
N GLY A 451 -14.66 -2.66 -2.69
CA GLY A 451 -13.86 -1.83 -1.82
C GLY A 451 -12.39 -1.91 -2.25
N VAL A 452 -11.81 -0.75 -2.18
CA VAL A 452 -10.40 -0.59 -2.51
C VAL A 452 -9.56 -0.15 -1.26
N LEU A 453 -8.53 -0.97 -1.01
CA LEU A 453 -7.70 -0.67 0.11
C LEU A 453 -6.36 -0.16 -0.47
N ASP A 454 -6.01 1.03 -0.02
CA ASP A 454 -4.80 1.68 -0.40
C ASP A 454 -4.04 2.01 0.91
N ILE A 455 -3.14 1.08 1.25
CA ILE A 455 -2.36 1.20 2.46
C ILE A 455 -0.96 0.65 2.18
N SER A 456 -0.01 1.09 3.02
CA SER A 456 1.36 0.54 2.84
C SER A 456 1.42 -0.91 3.15
N GLY A 457 2.39 -1.52 2.48
CA GLY A 457 2.74 -2.90 2.72
C GLY A 457 3.64 -2.84 4.04
N PHE A 458 4.40 -3.90 4.29
CA PHE A 458 5.27 -3.97 5.47
C PHE A 458 6.21 -2.81 5.41
N GLU A 459 6.45 -2.21 6.55
CA GLU A 459 7.37 -1.08 6.68
C GLU A 459 8.62 -1.49 7.51
N ILE A 460 9.80 -1.42 6.96
CA ILE A 460 11.01 -1.70 7.73
C ILE A 460 12.02 -0.57 7.52
N PHE A 461 12.04 0.46 8.33
CA PHE A 461 12.96 1.57 8.18
C PHE A 461 14.12 1.44 9.15
N LYS A 462 14.86 2.57 9.29
CA LYS A 462 16.02 2.73 10.18
C LYS A 462 15.50 2.55 11.58
N VAL A 463 14.53 3.42 11.83
CA VAL A 463 13.84 3.47 13.06
C VAL A 463 12.41 3.01 12.89
N ASN A 464 12.01 2.02 13.64
CA ASN A 464 10.62 1.55 13.59
C ASN A 464 9.97 1.80 14.92
N SER A 465 8.87 2.57 14.94
CA SER A 465 8.10 2.92 16.11
C SER A 465 6.70 2.27 16.16
N PHE A 466 5.88 2.78 17.02
CA PHE A 466 4.58 2.21 17.30
C PHE A 466 3.72 2.04 16.07
N GLU A 467 3.75 3.06 15.22
CA GLU A 467 2.99 3.09 13.95
C GLU A 467 3.43 2.05 12.99
N GLN A 468 4.77 1.78 12.92
CA GLN A 468 5.29 0.69 12.10
C GLN A 468 4.76 -0.68 12.58
N LEU A 469 4.66 -0.83 13.90
CA LEU A 469 4.18 -2.08 14.41
C LEU A 469 2.70 -2.29 13.98
N CYS A 470 1.97 -1.23 14.10
CA CYS A 470 0.60 -1.25 13.69
C CYS A 470 0.47 -1.70 12.23
N ILE A 471 1.09 -0.96 11.34
CA ILE A 471 1.03 -1.26 9.93
C ILE A 471 1.53 -2.63 9.64
N ASN A 472 2.55 -3.09 10.37
CA ASN A 472 3.12 -4.35 10.09
C ASN A 472 2.23 -5.52 10.55
N TYR A 473 1.49 -5.20 11.61
CA TYR A 473 0.44 -6.08 12.20
C TYR A 473 -0.68 -6.25 11.16
N THR A 474 -1.15 -5.12 10.64
CA THR A 474 -2.15 -5.17 9.55
C THR A 474 -1.62 -6.04 8.41
N ASN A 475 -0.35 -5.79 8.03
CA ASN A 475 0.24 -6.57 6.97
C ASN A 475 0.28 -8.05 7.16
N GLU A 476 0.52 -8.48 8.43
CA GLU A 476 0.55 -9.91 8.76
C GLU A 476 -0.85 -10.53 8.51
N LYS A 477 -1.81 -9.72 8.90
CA LYS A 477 -3.24 -10.14 8.70
C LYS A 477 -3.58 -10.28 7.23
N LEU A 478 -3.20 -9.26 6.44
CA LEU A 478 -3.49 -9.33 4.99
C LEU A 478 -2.73 -10.43 4.35
N GLN A 479 -1.49 -10.71 4.79
CA GLN A 479 -0.74 -11.79 4.16
C GLN A 479 -1.33 -13.17 4.44
N GLN A 480 -1.75 -13.32 5.68
CA GLN A 480 -2.37 -14.54 6.09
C GLN A 480 -3.74 -14.69 5.28
N PHE A 481 -4.49 -13.58 5.10
CA PHE A 481 -5.71 -13.54 4.25
C PHE A 481 -5.39 -14.02 2.84
N PHE A 482 -4.33 -13.51 2.26
CA PHE A 482 -3.92 -13.98 0.98
C PHE A 482 -3.65 -15.48 0.90
N ASN A 483 -2.86 -15.96 1.86
CA ASN A 483 -2.47 -17.35 1.90
C ASN A 483 -3.64 -18.29 2.02
N HIS A 484 -4.58 -17.91 2.86
CA HIS A 484 -5.78 -18.73 2.98
C HIS A 484 -6.58 -18.76 1.71
N HIS A 485 -6.70 -17.57 1.12
CA HIS A 485 -7.37 -17.45 -0.13
C HIS A 485 -6.72 -18.32 -1.19
N MET A 486 -5.44 -18.10 -1.36
CA MET A 486 -4.66 -18.80 -2.34
C MET A 486 -4.85 -20.27 -2.18
N PHE A 487 -5.08 -20.64 -0.96
CA PHE A 487 -5.26 -22.03 -0.66
C PHE A 487 -6.56 -22.62 -1.21
N LYS A 488 -7.69 -21.98 -0.93
CA LYS A 488 -8.97 -22.46 -1.50
C LYS A 488 -9.01 -22.42 -3.05
N VAL A 489 -8.63 -21.26 -3.56
CA VAL A 489 -8.53 -21.06 -4.97
C VAL A 489 -7.64 -22.02 -5.75
N GLU A 490 -6.51 -22.34 -5.15
CA GLU A 490 -5.65 -23.29 -5.79
C GLU A 490 -6.27 -24.65 -5.64
N GLN A 491 -6.96 -24.87 -4.51
CA GLN A 491 -7.61 -26.13 -4.26
C GLN A 491 -8.84 -26.30 -5.19
N GLU A 492 -9.62 -25.24 -5.36
CA GLU A 492 -10.80 -25.29 -6.19
C GLU A 492 -10.54 -25.85 -7.55
N GLU A 493 -9.50 -25.25 -8.14
CA GLU A 493 -9.01 -25.50 -9.48
C GLU A 493 -8.61 -26.94 -9.77
N TYR A 494 -7.81 -27.55 -8.90
CA TYR A 494 -7.35 -28.89 -9.16
C TYR A 494 -8.57 -29.78 -9.27
N LEU A 495 -9.46 -29.45 -8.35
CA LEU A 495 -10.71 -30.15 -8.23
C LEU A 495 -11.54 -30.10 -9.49
N LYS A 496 -11.63 -28.88 -10.08
CA LYS A 496 -12.41 -28.62 -11.31
C LYS A 496 -11.89 -29.25 -12.61
N GLU A 497 -10.68 -29.77 -12.58
CA GLU A 497 -10.04 -30.39 -13.73
C GLU A 497 -9.88 -31.88 -13.49
N LYS A 498 -10.11 -32.21 -12.19
CA LYS A 498 -10.07 -33.55 -11.69
C LYS A 498 -8.63 -33.96 -11.49
N ILE A 499 -7.86 -32.99 -11.02
CA ILE A 499 -6.46 -33.29 -10.75
C ILE A 499 -6.41 -33.60 -9.25
N ASN A 500 -5.40 -34.33 -8.81
CA ASN A 500 -5.25 -34.67 -7.39
C ASN A 500 -4.82 -33.43 -6.55
N LEU A 508 -0.99 -19.96 11.51
CA LEU A 508 0.25 -20.58 11.14
C LEU A 508 1.54 -19.96 11.82
N ASP A 509 2.41 -19.52 10.87
CA ASP A 509 3.62 -18.84 11.28
C ASP A 509 3.15 -17.47 11.45
N SER A 510 2.12 -17.28 10.60
CA SER A 510 1.43 -16.03 10.62
C SER A 510 0.73 -15.93 11.93
N GLN A 511 0.10 -17.08 12.33
CA GLN A 511 -0.63 -16.98 13.55
C GLN A 511 0.24 -16.64 14.72
N ALA A 512 1.39 -17.25 14.76
CA ALA A 512 2.28 -17.01 15.91
C ALA A 512 2.71 -15.57 16.01
N THR A 513 3.07 -14.96 14.87
CA THR A 513 3.47 -13.56 14.91
C THR A 513 2.27 -12.75 15.32
N ILE A 514 1.12 -13.06 14.70
CA ILE A 514 -0.09 -12.30 15.02
C ILE A 514 -0.37 -12.32 16.54
N ASP A 515 -0.32 -13.52 17.08
CA ASP A 515 -0.58 -13.68 18.51
C ASP A 515 0.41 -12.92 19.40
N LEU A 516 1.68 -12.99 18.97
CA LEU A 516 2.70 -12.26 19.68
C LEU A 516 2.29 -10.80 19.84
N ILE A 517 1.70 -10.22 18.78
CA ILE A 517 1.26 -8.84 18.84
C ILE A 517 -0.03 -8.63 19.54
N ASP A 518 -1.04 -9.37 19.05
CA ASP A 518 -2.35 -9.07 19.61
C ASP A 518 -2.96 -10.00 20.64
N GLY A 519 -2.26 -11.08 21.00
CA GLY A 519 -2.74 -12.04 21.99
C GLY A 519 -3.31 -11.41 23.31
N ARG A 520 -4.34 -12.12 23.83
CA ARG A 520 -4.94 -11.70 25.08
C ARG A 520 -4.45 -12.60 26.29
N GLN A 521 -4.27 -13.88 26.06
CA GLN A 521 -3.78 -14.76 27.07
C GLN A 521 -3.10 -15.90 26.44
N PRO A 522 -1.77 -16.00 26.60
CA PRO A 522 -0.98 -15.06 27.31
C PRO A 522 -1.04 -13.73 26.58
N PRO A 523 -0.74 -12.73 27.27
CA PRO A 523 -0.83 -11.43 26.69
C PRO A 523 0.27 -11.17 25.68
N GLY A 524 -0.09 -10.46 24.61
CA GLY A 524 0.90 -10.14 23.60
C GLY A 524 1.43 -8.71 23.85
N ILE A 525 2.18 -8.22 22.83
CA ILE A 525 2.74 -6.87 22.94
C ILE A 525 1.70 -5.83 23.21
N LEU A 526 0.67 -5.82 22.38
CA LEU A 526 -0.26 -4.76 22.66
C LEU A 526 -1.01 -4.83 24.02
N ALA A 527 -1.34 -6.04 24.48
CA ALA A 527 -2.07 -6.17 25.75
C ALA A 527 -1.13 -5.66 26.86
N LEU A 528 0.16 -6.06 26.81
CA LEU A 528 1.10 -5.52 27.81
C LEU A 528 1.22 -4.03 27.77
N LEU A 529 1.26 -3.48 26.57
CA LEU A 529 1.34 -2.04 26.41
C LEU A 529 0.08 -1.38 27.01
N ASP A 530 -1.08 -2.02 26.80
CA ASP A 530 -2.25 -1.38 27.40
C ASP A 530 -2.15 -1.39 28.90
N GLU A 531 -1.66 -2.49 29.42
CA GLU A 531 -1.55 -2.65 30.89
C GLU A 531 -0.69 -1.58 31.52
N GLN A 532 0.45 -1.37 30.89
CA GLN A 532 1.39 -0.33 31.33
C GLN A 532 0.72 1.02 31.21
N SER A 533 -0.20 1.12 30.27
CA SER A 533 -0.86 2.39 30.05
C SER A 533 -1.68 2.96 31.21
N VAL A 534 -2.14 2.16 32.14
CA VAL A 534 -2.95 2.74 33.24
C VAL A 534 -2.20 3.59 34.28
N PHE A 535 -1.01 3.14 34.57
CA PHE A 535 -0.08 3.72 35.48
C PHE A 535 0.53 4.98 34.96
N PRO A 536 0.18 6.06 35.64
CA PRO A 536 0.66 7.38 35.37
C PRO A 536 2.17 7.44 35.31
N ASN A 537 2.80 6.71 36.23
CA ASN A 537 4.24 6.69 36.37
C ASN A 537 5.05 5.67 35.60
N ALA A 538 4.40 4.87 34.72
CA ALA A 538 5.18 3.91 33.94
C ALA A 538 6.03 4.67 32.94
N THR A 539 7.08 3.98 32.49
CA THR A 539 8.06 4.54 31.58
C THR A 539 8.33 3.59 30.47
N ASP A 540 9.02 4.11 29.48
CA ASP A 540 9.45 3.26 28.40
C ASP A 540 10.34 2.13 28.94
N ASN A 541 11.10 2.36 30.05
CA ASN A 541 11.91 1.28 30.60
C ASN A 541 11.09 0.09 31.25
N THR A 542 10.04 0.49 31.93
CA THR A 542 9.10 -0.39 32.60
C THR A 542 8.47 -1.22 31.50
N LEU A 543 7.97 -0.51 30.51
CA LEU A 543 7.38 -1.22 29.36
C LEU A 543 8.31 -2.20 28.67
N ILE A 544 9.49 -1.74 28.20
CA ILE A 544 10.35 -2.67 27.49
C ILE A 544 10.84 -3.87 28.33
N THR A 545 11.05 -3.59 29.63
CA THR A 545 11.47 -4.66 30.57
C THR A 545 10.34 -5.70 30.69
N LYS A 546 9.09 -5.19 30.82
CA LYS A 546 7.97 -6.17 30.87
C LYS A 546 7.87 -7.04 29.62
N LEU A 547 8.11 -6.39 28.43
CA LEU A 547 8.13 -7.04 27.13
C LEU A 547 9.18 -8.10 27.09
N HIS A 548 10.40 -7.76 27.42
CA HIS A 548 11.45 -8.77 27.46
C HIS A 548 11.15 -9.88 28.51
N SER A 549 10.59 -9.46 29.68
CA SER A 549 10.20 -10.38 30.77
C SER A 549 9.25 -11.43 30.24
N HIS A 550 8.29 -11.00 29.43
CA HIS A 550 7.43 -12.04 28.93
C HIS A 550 7.89 -12.77 27.72
N PHE A 551 8.70 -12.19 26.78
CA PHE A 551 9.01 -12.90 25.52
C PHE A 551 10.44 -13.25 25.21
N SER A 552 11.42 -12.57 25.84
CA SER A 552 12.85 -12.87 25.58
C SER A 552 13.23 -14.34 25.84
N LYS A 553 13.56 -15.14 24.81
CA LYS A 553 13.85 -16.59 24.87
C LYS A 553 12.62 -17.38 25.24
N LYS A 554 11.48 -16.72 25.24
CA LYS A 554 10.25 -17.38 25.65
C LYS A 554 9.30 -17.52 24.42
N ASN A 555 9.35 -16.58 23.49
CA ASN A 555 8.53 -16.65 22.31
C ASN A 555 9.43 -16.66 21.13
N ALA A 556 9.33 -17.67 20.33
CA ALA A 556 10.18 -17.76 19.17
C ALA A 556 10.18 -16.63 18.12
N LYS A 557 9.18 -15.74 18.10
CA LYS A 557 9.06 -14.64 17.13
C LYS A 557 9.66 -13.38 17.68
N TYR A 558 10.13 -13.43 18.94
CA TYR A 558 10.65 -12.28 19.62
C TYR A 558 12.18 -12.34 19.79
N GLU A 559 12.80 -11.13 19.80
CA GLU A 559 14.20 -11.02 20.09
C GLU A 559 14.52 -9.83 20.96
N GLU A 560 15.17 -10.11 22.11
CA GLU A 560 15.66 -9.01 22.95
C GLU A 560 17.10 -8.71 22.36
N PRO A 561 17.40 -7.45 22.02
CA PRO A 561 18.71 -7.10 21.42
C PRO A 561 19.90 -7.39 22.31
N ARG A 562 21.08 -7.67 21.72
CA ARG A 562 22.20 -7.93 22.61
C ARG A 562 22.60 -6.74 23.41
N PHE A 563 22.52 -5.57 22.84
CA PHE A 563 22.90 -4.44 23.59
C PHE A 563 21.82 -3.32 23.76
N SER A 564 21.08 -2.99 22.72
CA SER A 564 20.13 -1.90 22.95
C SER A 564 19.21 -2.26 24.12
N LYS A 565 18.83 -1.22 24.82
CA LYS A 565 17.90 -1.32 25.94
C LYS A 565 16.55 -0.72 25.57
N THR A 566 16.40 -0.24 24.33
CA THR A 566 15.15 0.42 24.05
C THR A 566 14.43 -0.17 22.84
N GLU A 567 14.93 -1.27 22.39
CA GLU A 567 14.39 -1.90 21.20
C GLU A 567 14.12 -3.36 21.41
N PHE A 568 13.36 -3.92 20.48
CA PHE A 568 13.02 -5.31 20.47
C PHE A 568 12.64 -5.64 19.05
N GLY A 569 12.84 -6.91 18.72
CA GLY A 569 12.61 -7.42 17.39
C GLY A 569 11.46 -8.42 17.29
N VAL A 570 10.77 -8.31 16.17
CA VAL A 570 9.69 -9.20 15.81
C VAL A 570 9.99 -9.86 14.51
N THR A 571 9.89 -11.16 14.49
CA THR A 571 10.06 -11.84 13.24
C THR A 571 8.70 -11.88 12.54
N HIS A 572 8.70 -11.06 11.53
CA HIS A 572 7.54 -10.86 10.70
C HIS A 572 7.60 -11.69 9.49
N TYR A 573 6.50 -11.67 8.77
CA TYR A 573 6.40 -12.48 7.55
C TYR A 573 7.56 -12.11 6.60
N ALA A 574 7.70 -10.81 6.46
CA ALA A 574 8.72 -10.16 5.62
C ALA A 574 10.09 -10.22 6.24
N GLY A 575 10.24 -10.80 7.45
CA GLY A 575 11.49 -10.90 8.17
C GLY A 575 11.52 -10.09 9.47
N GLN A 576 12.64 -10.10 10.21
CA GLN A 576 12.67 -9.33 11.45
C GLN A 576 12.65 -7.83 11.33
N VAL A 577 11.92 -7.21 12.21
CA VAL A 577 11.86 -5.79 12.34
C VAL A 577 12.25 -5.43 13.76
N MET A 578 13.16 -4.49 13.90
CA MET A 578 13.47 -4.00 15.22
C MET A 578 12.68 -2.76 15.46
N TYR A 579 11.99 -2.71 16.64
CA TYR A 579 11.21 -1.59 17.10
C TYR A 579 11.85 -0.99 18.33
N GLU A 580 11.64 0.28 18.45
CA GLU A 580 12.14 1.15 19.45
C GLU A 580 10.90 1.56 20.19
N ILE A 581 11.04 1.61 21.49
CA ILE A 581 9.94 1.82 22.39
C ILE A 581 9.69 3.20 22.84
N GLN A 582 10.54 4.13 22.46
CA GLN A 582 10.31 5.47 22.99
C GLN A 582 8.97 6.01 22.70
N ASP A 583 8.42 6.62 23.75
CA ASP A 583 7.11 7.29 23.74
C ASP A 583 5.86 6.40 23.55
N TRP A 584 5.99 5.09 23.49
CA TRP A 584 4.83 4.26 23.24
C TRP A 584 3.69 4.53 24.16
N LEU A 585 3.99 4.73 25.47
CA LEU A 585 2.94 4.96 26.43
C LEU A 585 2.09 6.15 26.08
N GLU A 586 2.77 7.22 25.68
CA GLU A 586 2.17 8.47 25.30
C GLU A 586 1.36 8.27 24.05
N LYS A 587 2.01 7.61 23.10
CA LYS A 587 1.36 7.29 21.85
C LYS A 587 0.07 6.51 22.13
N ASN A 588 0.16 5.58 23.08
CA ASN A 588 -0.94 4.70 23.41
C ASN A 588 -2.10 5.42 24.02
N LYS A 589 -1.80 6.44 24.79
CA LYS A 589 -2.84 7.19 25.45
C LYS A 589 -3.31 8.37 24.59
N ASP A 590 -2.39 8.96 23.81
CA ASP A 590 -2.70 10.09 22.99
C ASP A 590 -3.39 11.21 23.79
N PRO A 591 -2.78 11.55 24.92
CA PRO A 591 -3.29 12.54 25.85
C PRO A 591 -3.45 13.99 25.36
N LEU A 592 -4.48 14.65 25.85
CA LEU A 592 -4.75 16.05 25.65
C LEU A 592 -5.30 16.60 26.97
N GLN A 593 -4.76 17.71 27.50
CA GLN A 593 -5.22 18.24 28.77
C GLN A 593 -6.71 18.53 28.76
N GLN A 594 -7.47 18.13 29.81
CA GLN A 594 -8.89 18.43 29.85
C GLN A 594 -9.26 19.91 29.70
N ASP A 595 -8.45 20.79 30.30
CA ASP A 595 -8.72 22.22 30.15
C ASP A 595 -8.55 22.60 28.72
N LEU A 596 -7.78 21.84 27.97
CA LEU A 596 -7.70 22.24 26.60
C LEU A 596 -9.02 21.87 25.90
N GLU A 597 -9.57 20.72 26.25
CA GLU A 597 -10.84 20.25 25.74
C GLU A 597 -11.96 21.22 26.10
N LEU A 598 -11.90 21.65 27.33
CA LEU A 598 -12.87 22.62 27.81
C LEU A 598 -12.81 23.89 27.00
N CYS A 599 -11.60 24.43 26.90
CA CYS A 599 -11.34 25.66 26.16
C CYS A 599 -11.96 25.61 24.76
N PHE A 600 -11.60 24.60 24.02
CA PHE A 600 -12.09 24.45 22.68
C PHE A 600 -13.56 24.06 22.55
N LYS A 601 -14.11 23.40 23.56
CA LYS A 601 -15.50 22.99 23.45
C LYS A 601 -16.45 24.19 23.23
N ASP A 602 -16.05 25.28 23.89
CA ASP A 602 -16.71 26.56 23.95
C ASP A 602 -16.56 27.37 22.65
N SER A 603 -15.67 26.92 21.78
CA SER A 603 -15.41 27.61 20.55
C SER A 603 -16.66 28.20 19.95
N SER A 604 -16.50 29.45 19.55
CA SER A 604 -17.51 30.19 18.84
C SER A 604 -17.67 29.54 17.47
N ASP A 605 -16.58 28.97 16.95
CA ASP A 605 -16.56 28.33 15.66
C ASP A 605 -17.45 27.14 15.62
N ASN A 606 -18.19 27.12 14.54
CA ASN A 606 -19.14 26.09 14.31
C ASN A 606 -18.63 24.73 14.00
N VAL A 607 -17.47 24.76 13.38
CA VAL A 607 -16.82 23.53 13.05
C VAL A 607 -15.97 23.10 14.21
N VAL A 608 -15.30 24.08 14.83
CA VAL A 608 -14.52 23.72 15.99
C VAL A 608 -15.33 23.04 17.04
N THR A 609 -16.49 23.58 17.21
CA THR A 609 -17.38 23.05 18.18
C THR A 609 -17.56 21.55 17.94
N LYS A 610 -17.70 21.18 16.66
CA LYS A 610 -17.87 19.76 16.37
C LYS A 610 -16.74 18.84 16.82
N LEU A 611 -15.53 19.23 16.41
CA LEU A 611 -14.31 18.50 16.73
C LEU A 611 -14.22 18.17 18.21
N PHE A 612 -14.79 19.04 19.07
CA PHE A 612 -14.70 18.81 20.51
C PHE A 612 -15.97 18.41 21.15
N ASN A 613 -17.09 18.70 20.51
CA ASN A 613 -18.32 18.36 21.15
C ASN A 613 -18.93 17.00 20.79
N ASP A 614 -18.48 16.42 19.66
CA ASP A 614 -18.96 15.13 19.17
C ASP A 614 -18.08 13.90 19.59
N PRO A 615 -18.57 13.06 20.48
CA PRO A 615 -17.81 11.93 20.95
C PRO A 615 -17.36 11.04 19.84
N ASN A 616 -17.98 11.22 18.70
CA ASN A 616 -17.62 10.36 17.61
C ASN A 616 -16.37 10.85 16.94
N ILE A 617 -16.08 12.10 17.25
CA ILE A 617 -14.94 12.81 16.76
C ILE A 617 -13.97 13.05 17.93
N ALA A 618 -14.47 13.57 19.01
CA ALA A 618 -13.64 13.89 20.11
C ALA A 618 -13.05 12.75 20.88
N SER A 619 -13.57 11.54 20.73
CA SER A 619 -13.09 10.40 21.53
C SER A 619 -13.04 9.08 20.82
N ARG A 620 -12.27 8.22 21.48
CA ARG A 620 -12.04 6.89 21.07
C ARG A 620 -13.16 5.90 21.36
N ALA A 621 -13.89 6.07 22.41
CA ALA A 621 -14.89 5.04 22.56
C ALA A 621 -16.32 5.59 22.62
N PHE A 627 -13.10 4.05 28.14
CA PHE A 627 -12.04 4.58 27.28
C PHE A 627 -10.89 3.67 26.86
N LEU A 628 -10.95 3.43 25.57
CA LEU A 628 -10.14 2.60 24.67
C LEU A 628 -8.71 3.10 24.46
N THR A 629 -7.69 2.24 24.39
CA THR A 629 -6.42 2.84 24.06
C THR A 629 -6.29 3.00 22.54
N VAL A 630 -5.18 3.62 22.11
CA VAL A 630 -4.93 3.79 20.71
C VAL A 630 -4.69 2.40 20.08
N ALA A 631 -3.97 1.52 20.80
CA ALA A 631 -3.73 0.14 20.34
C ALA A 631 -5.00 -0.71 20.22
N ALA A 632 -5.87 -0.54 21.24
CA ALA A 632 -7.16 -1.24 21.33
C ALA A 632 -8.02 -0.80 20.14
N GLN A 633 -8.03 0.53 19.90
CA GLN A 633 -8.77 1.04 18.75
C GLN A 633 -8.24 0.48 17.43
N TYR A 634 -6.92 0.41 17.30
CA TYR A 634 -6.30 -0.09 16.12
C TYR A 634 -6.64 -1.51 15.90
N LYS A 635 -6.58 -2.27 16.95
CA LYS A 635 -6.87 -3.69 16.78
C LYS A 635 -8.36 -3.90 16.35
N GLU A 636 -9.19 -3.08 16.93
CA GLU A 636 -10.60 -3.17 16.70
C GLU A 636 -10.89 -2.85 15.27
N GLN A 637 -10.35 -1.79 14.77
CA GLN A 637 -10.57 -1.41 13.37
C GLN A 637 -9.95 -2.37 12.36
N LEU A 638 -8.90 -3.06 12.72
CA LEU A 638 -8.29 -3.95 11.82
C LEU A 638 -9.22 -5.17 11.72
N ALA A 639 -9.76 -5.55 12.86
CA ALA A 639 -10.66 -6.71 12.87
C ALA A 639 -11.95 -6.44 12.00
N SER A 640 -12.53 -5.25 12.09
CA SER A 640 -13.71 -5.00 11.25
C SER A 640 -13.32 -5.05 9.81
N LEU A 641 -12.16 -4.42 9.56
CA LEU A 641 -11.59 -4.45 8.26
C LEU A 641 -11.54 -5.87 7.74
N MET A 642 -10.85 -6.73 8.39
CA MET A 642 -10.72 -8.02 7.89
C MET A 642 -12.08 -8.69 7.79
N ALA A 643 -12.95 -8.35 8.71
CA ALA A 643 -14.27 -8.96 8.68
C ALA A 643 -14.93 -8.68 7.34
N THR A 644 -14.90 -7.42 6.96
CA THR A 644 -15.45 -7.02 5.70
C THR A 644 -14.81 -7.76 4.56
N LEU A 645 -13.52 -7.78 4.54
CA LEU A 645 -12.83 -8.43 3.46
C LEU A 645 -13.20 -9.88 3.30
N GLU A 646 -13.46 -10.53 4.43
CA GLU A 646 -13.81 -11.92 4.51
C GLU A 646 -15.09 -12.25 3.76
N THR A 647 -15.88 -11.19 3.64
CA THR A 647 -17.12 -11.19 2.88
C THR A 647 -16.99 -10.93 1.37
N THR A 648 -15.80 -10.60 0.86
CA THR A 648 -15.70 -10.27 -0.53
C THR A 648 -14.95 -11.28 -1.28
N ASN A 649 -14.96 -11.10 -2.61
CA ASN A 649 -14.09 -11.92 -3.43
C ASN A 649 -12.84 -10.99 -3.63
N PRO A 650 -11.64 -11.28 -3.09
CA PRO A 650 -10.55 -10.35 -3.18
C PRO A 650 -9.69 -10.43 -4.43
N HIS A 651 -9.02 -9.26 -4.71
CA HIS A 651 -8.14 -9.11 -5.83
C HIS A 651 -6.91 -8.39 -5.29
N PHE A 652 -5.75 -8.94 -5.64
CA PHE A 652 -4.48 -8.43 -5.12
C PHE A 652 -3.56 -7.74 -6.07
N VAL A 653 -3.28 -6.50 -5.72
CA VAL A 653 -2.33 -5.70 -6.48
C VAL A 653 -1.05 -5.36 -5.60
N ARG A 654 0.10 -5.83 -6.13
CA ARG A 654 1.40 -5.62 -5.58
C ARG A 654 2.13 -4.51 -6.37
N CYS A 655 2.14 -3.34 -5.85
CA CYS A 655 2.89 -2.19 -6.44
C CYS A 655 4.32 -2.21 -5.97
N ILE A 656 5.26 -2.11 -6.93
CA ILE A 656 6.75 -2.20 -6.78
C ILE A 656 7.46 -0.93 -7.19
N ILE A 657 8.29 -0.45 -6.33
CA ILE A 657 9.13 0.72 -6.64
C ILE A 657 10.40 0.16 -7.40
N PRO A 658 10.80 0.74 -8.56
CA PRO A 658 11.94 0.14 -9.27
C PRO A 658 13.36 0.46 -8.67
N ASN A 659 13.43 1.55 -7.89
CA ASN A 659 14.65 2.04 -7.26
C ASN A 659 14.30 3.02 -6.23
N ASN A 660 15.35 3.47 -5.55
CA ASN A 660 15.12 4.47 -4.48
C ASN A 660 15.29 5.92 -4.90
N LYS A 661 15.34 6.14 -6.17
CA LYS A 661 15.61 7.47 -6.62
C LYS A 661 14.52 8.15 -7.38
N GLN A 662 13.37 7.55 -7.49
CA GLN A 662 12.40 8.29 -8.26
C GLN A 662 12.76 8.49 -9.75
N LEU A 663 13.51 7.52 -10.27
CA LEU A 663 13.93 7.52 -11.67
C LEU A 663 13.32 6.42 -12.56
N PRO A 664 13.08 6.82 -13.84
CA PRO A 664 12.59 5.90 -14.87
C PRO A 664 13.73 5.15 -15.44
N ALA A 665 13.43 4.11 -16.13
CA ALA A 665 14.44 3.31 -16.84
C ALA A 665 15.53 2.83 -15.92
N LYS A 666 15.19 2.68 -14.64
CA LYS A 666 16.23 2.25 -13.69
C LYS A 666 15.72 1.19 -12.71
N LEU A 667 15.54 -0.02 -13.20
CA LEU A 667 15.05 -1.14 -12.45
C LEU A 667 16.24 -1.88 -11.81
N GLU A 668 16.35 -1.66 -10.48
CA GLU A 668 17.39 -2.22 -9.61
C GLU A 668 16.95 -3.51 -9.00
N ASP A 669 17.66 -4.58 -9.32
CA ASP A 669 17.41 -5.95 -8.89
C ASP A 669 17.31 -6.17 -7.40
N LYS A 670 18.23 -5.55 -6.69
CA LYS A 670 18.25 -5.66 -5.26
C LYS A 670 16.98 -5.03 -4.72
N VAL A 671 16.71 -3.81 -5.16
CA VAL A 671 15.51 -3.09 -4.73
C VAL A 671 14.26 -3.91 -5.01
N VAL A 672 14.17 -4.34 -6.23
CA VAL A 672 13.03 -5.07 -6.68
C VAL A 672 12.78 -6.38 -5.96
N LEU A 673 13.81 -7.23 -5.94
CA LEU A 673 13.89 -8.57 -5.34
C LEU A 673 13.46 -8.61 -3.90
N ASP A 674 13.94 -7.58 -3.25
CA ASP A 674 13.55 -7.36 -1.90
C ASP A 674 12.09 -7.20 -1.76
N GLN A 675 11.50 -6.41 -2.69
CA GLN A 675 10.06 -6.21 -2.64
C GLN A 675 9.27 -7.49 -2.87
N LEU A 676 9.76 -8.29 -3.80
CA LEU A 676 9.12 -9.53 -4.16
C LEU A 676 9.21 -10.57 -3.08
N ARG A 677 10.27 -10.51 -2.33
CA ARG A 677 10.38 -11.41 -1.20
C ARG A 677 9.32 -11.09 -0.10
N CYS A 678 9.29 -9.81 0.28
CA CYS A 678 8.41 -9.34 1.34
C CYS A 678 6.98 -9.29 1.06
N ASN A 679 6.61 -9.09 -0.22
CA ASN A 679 5.25 -8.93 -0.58
C ASN A 679 4.49 -10.20 -0.89
N GLY A 680 5.11 -11.38 -0.77
CA GLY A 680 4.37 -12.60 -1.01
C GLY A 680 4.39 -13.06 -2.45
N VAL A 681 4.93 -12.26 -3.37
CA VAL A 681 5.01 -12.71 -4.76
C VAL A 681 5.96 -13.93 -4.98
N LEU A 682 7.17 -13.91 -4.40
CA LEU A 682 8.10 -15.03 -4.59
C LEU A 682 7.63 -16.29 -3.85
N GLU A 683 7.00 -16.07 -2.68
CA GLU A 683 6.47 -17.19 -1.87
C GLU A 683 5.38 -17.93 -2.68
N ALA A 684 4.45 -17.14 -3.24
CA ALA A 684 3.38 -17.73 -3.99
C ALA A 684 3.91 -18.59 -5.08
N ILE A 685 5.02 -18.12 -5.59
CA ILE A 685 5.57 -18.87 -6.66
C ILE A 685 6.21 -20.13 -6.21
N ARG A 686 7.18 -20.02 -5.28
CA ARG A 686 7.86 -21.17 -4.76
C ARG A 686 6.88 -22.30 -4.57
N ILE A 687 5.74 -21.90 -3.98
CA ILE A 687 4.59 -22.78 -3.68
C ILE A 687 3.89 -23.35 -4.89
N THR A 688 3.66 -22.45 -5.80
CA THR A 688 3.03 -22.85 -7.02
C THR A 688 3.99 -23.85 -7.77
N ARG A 689 5.24 -23.42 -7.86
CA ARG A 689 6.35 -24.18 -8.43
C ARG A 689 6.32 -25.65 -7.93
N LYS A 690 6.16 -25.81 -6.62
CA LYS A 690 6.13 -27.12 -6.03
C LYS A 690 5.17 -28.06 -6.70
N GLY A 691 3.95 -27.58 -7.02
CA GLY A 691 2.94 -28.42 -7.65
C GLY A 691 3.07 -28.63 -9.17
N PHE A 692 2.06 -28.07 -9.86
CA PHE A 692 1.93 -28.14 -11.31
C PHE A 692 1.61 -26.70 -11.77
N PRO A 693 2.69 -25.89 -11.89
CA PRO A 693 2.68 -24.47 -12.24
C PRO A 693 2.10 -24.08 -13.59
N ASN A 694 2.43 -24.88 -14.62
CA ASN A 694 2.00 -24.69 -15.99
C ASN A 694 0.74 -25.53 -16.16
N ARG A 695 -0.31 -24.89 -16.64
CA ARG A 695 -1.62 -25.55 -16.81
C ARG A 695 -2.24 -25.01 -18.07
N ILE A 696 -1.91 -25.65 -19.20
CA ILE A 696 -2.29 -25.24 -20.54
C ILE A 696 -3.55 -25.87 -21.11
N ILE A 697 -4.22 -25.06 -21.96
CA ILE A 697 -5.39 -25.49 -22.70
C ILE A 697 -4.86 -26.41 -23.79
N TYR A 698 -5.42 -27.61 -23.85
CA TYR A 698 -5.03 -28.66 -24.80
C TYR A 698 -4.85 -28.12 -26.21
N ALA A 699 -5.86 -27.37 -26.62
CA ALA A 699 -5.89 -26.77 -27.93
C ALA A 699 -4.63 -25.91 -28.19
N ASP A 700 -4.30 -25.04 -27.19
CA ASP A 700 -3.16 -24.12 -27.17
C ASP A 700 -1.83 -24.87 -27.26
N PHE A 701 -1.73 -25.93 -26.47
CA PHE A 701 -0.57 -26.78 -26.52
C PHE A 701 -0.27 -27.22 -27.97
N VAL A 702 -1.24 -27.96 -28.55
CA VAL A 702 -1.18 -28.51 -29.91
C VAL A 702 -0.79 -27.49 -30.94
N LYS A 703 -1.48 -26.33 -30.91
CA LYS A 703 -1.15 -25.31 -31.87
C LYS A 703 0.36 -25.12 -31.92
N ARG A 704 0.96 -24.86 -30.74
CA ARG A 704 2.38 -24.63 -30.62
C ARG A 704 3.24 -25.87 -30.78
N TYR A 705 2.70 -27.03 -30.51
CA TYR A 705 3.63 -28.13 -30.60
C TYR A 705 3.42 -29.26 -31.57
N TYR A 706 2.27 -29.29 -32.23
CA TYR A 706 1.94 -30.33 -33.18
C TYR A 706 3.12 -30.86 -34.00
N ASP A 707 3.95 -29.90 -34.42
CA ASP A 707 5.14 -30.10 -35.26
C ASP A 707 6.20 -31.04 -34.71
N LEU A 708 6.25 -31.11 -33.35
CA LEU A 708 7.21 -31.89 -32.55
C LEU A 708 6.96 -33.39 -32.61
N ALA A 709 5.79 -33.74 -33.10
CA ALA A 709 5.45 -35.13 -33.20
C ALA A 709 5.13 -35.57 -34.60
N PRO A 710 5.82 -36.64 -35.02
CA PRO A 710 5.53 -37.31 -36.25
C PRO A 710 4.20 -37.92 -35.94
N ASN A 711 3.14 -37.10 -36.19
CA ASN A 711 1.75 -37.47 -35.88
C ASN A 711 0.71 -36.38 -36.21
N VAL A 712 0.52 -35.55 -35.14
CA VAL A 712 -0.40 -34.43 -34.91
C VAL A 712 -0.37 -33.24 -35.85
N PRO A 713 -1.61 -32.80 -36.11
CA PRO A 713 -1.95 -31.67 -36.94
C PRO A 713 -2.37 -30.48 -36.07
N ARG A 714 -1.80 -29.31 -36.41
CA ARG A 714 -2.00 -28.05 -35.70
C ARG A 714 -3.34 -27.95 -35.03
N ASP A 715 -4.41 -27.96 -35.88
CA ASP A 715 -5.81 -27.88 -35.45
C ASP A 715 -6.52 -29.24 -35.52
N ALA A 716 -6.76 -29.79 -34.33
CA ALA A 716 -7.39 -31.07 -34.16
C ALA A 716 -8.60 -30.91 -33.24
N GLU A 717 -9.69 -31.59 -33.53
CA GLU A 717 -10.75 -31.40 -32.59
C GLU A 717 -10.45 -32.18 -31.32
N ASP A 718 -9.71 -33.30 -31.46
CA ASP A 718 -9.32 -34.13 -30.31
C ASP A 718 -8.03 -33.69 -29.60
N SER A 719 -7.95 -32.39 -29.26
CA SER A 719 -6.81 -31.77 -28.61
C SER A 719 -6.17 -32.52 -27.41
N GLN A 720 -6.97 -33.10 -26.52
CA GLN A 720 -6.41 -33.84 -25.40
C GLN A 720 -5.57 -35.01 -25.94
N LYS A 721 -6.19 -35.69 -26.91
CA LYS A 721 -5.58 -36.81 -27.58
C LYS A 721 -4.36 -36.29 -28.32
N ALA A 722 -4.56 -35.22 -29.08
CA ALA A 722 -3.50 -34.58 -29.80
C ALA A 722 -2.38 -34.28 -28.82
N THR A 723 -2.75 -33.91 -27.55
CA THR A 723 -1.81 -33.59 -26.46
C THR A 723 -1.00 -34.79 -25.98
N ASP A 724 -1.69 -35.90 -25.85
CA ASP A 724 -1.09 -37.14 -25.44
C ASP A 724 -0.08 -37.68 -26.47
N ALA A 725 -0.27 -37.23 -27.74
CA ALA A 725 0.56 -37.62 -28.91
C ALA A 725 2.00 -37.13 -28.87
N VAL A 726 2.10 -35.80 -28.87
CA VAL A 726 3.38 -35.15 -28.82
C VAL A 726 4.15 -35.72 -27.66
N LEU A 727 3.50 -35.68 -26.47
CA LEU A 727 3.99 -36.18 -25.17
C LEU A 727 4.57 -37.56 -25.32
N LYS A 728 3.74 -38.40 -25.91
CA LYS A 728 4.13 -39.74 -26.21
C LYS A 728 5.20 -39.74 -27.27
N HIS A 729 5.00 -38.89 -28.28
CA HIS A 729 5.98 -38.80 -29.33
C HIS A 729 7.32 -38.60 -28.65
N LEU A 730 7.29 -37.54 -27.84
CA LEU A 730 8.36 -37.06 -27.02
C LEU A 730 8.81 -38.03 -25.94
N ASN A 731 7.97 -39.05 -25.63
CA ASN A 731 8.34 -40.02 -24.59
C ASN A 731 8.60 -39.27 -23.27
N ILE A 732 7.71 -38.34 -22.95
CA ILE A 732 7.87 -37.57 -21.73
C ILE A 732 7.40 -38.37 -20.50
N ASP A 733 8.04 -38.07 -19.34
CA ASP A 733 7.72 -38.71 -18.07
C ASP A 733 6.31 -38.38 -17.55
N PRO A 734 5.53 -39.44 -17.24
CA PRO A 734 4.18 -39.33 -16.70
C PRO A 734 4.08 -38.51 -15.43
N GLU A 735 4.99 -38.64 -14.48
CA GLU A 735 4.81 -37.77 -13.33
C GLU A 735 4.99 -36.31 -13.61
N GLN A 736 5.67 -35.99 -14.71
CA GLN A 736 5.92 -34.60 -15.08
C GLN A 736 4.73 -33.81 -15.58
N PHE A 737 3.64 -34.50 -15.85
CA PHE A 737 2.48 -33.83 -16.40
C PHE A 737 1.18 -34.46 -15.91
N ARG A 738 0.12 -33.66 -15.75
CA ARG A 738 -1.13 -34.25 -15.28
C ARG A 738 -2.24 -33.85 -16.21
N PHE A 739 -2.96 -34.87 -16.74
CA PHE A 739 -4.10 -34.66 -17.63
C PHE A 739 -5.34 -34.13 -16.86
N GLY A 740 -5.63 -32.86 -17.15
CA GLY A 740 -6.75 -32.18 -16.57
C GLY A 740 -7.88 -32.09 -17.60
N ILE A 741 -9.09 -32.17 -17.11
CA ILE A 741 -10.26 -32.09 -17.96
C ILE A 741 -10.13 -31.09 -19.13
N THR A 742 -9.56 -29.92 -18.83
CA THR A 742 -9.43 -28.84 -19.78
C THR A 742 -8.02 -28.42 -20.13
N LYS A 743 -7.16 -28.62 -19.15
CA LYS A 743 -5.78 -28.21 -19.25
C LYS A 743 -4.84 -29.38 -19.03
N ILE A 744 -3.66 -29.14 -19.49
CA ILE A 744 -2.61 -30.09 -19.26
C ILE A 744 -1.76 -29.39 -18.22
N PHE A 745 -1.61 -30.08 -17.11
CA PHE A 745 -0.83 -29.61 -15.99
C PHE A 745 0.57 -30.18 -16.13
N PHE A 746 1.52 -29.23 -16.18
CA PHE A 746 2.93 -29.48 -16.32
C PHE A 746 3.68 -28.96 -15.15
N ARG A 747 4.45 -29.87 -14.57
CA ARG A 747 5.32 -29.50 -13.50
C ARG A 747 6.45 -28.61 -14.04
N ALA A 748 7.29 -28.15 -13.12
CA ALA A 748 8.40 -27.26 -13.42
C ALA A 748 9.52 -27.82 -14.32
N GLY A 749 9.94 -26.98 -15.30
CA GLY A 749 10.97 -27.24 -16.30
C GLY A 749 10.51 -28.07 -17.47
N GLN A 750 9.49 -28.87 -17.21
CA GLN A 750 8.95 -29.77 -18.20
C GLN A 750 8.69 -29.08 -19.55
N LEU A 751 7.85 -28.06 -19.47
CA LEU A 751 7.43 -27.33 -20.61
C LEU A 751 8.63 -26.66 -21.25
N ALA A 752 9.63 -26.29 -20.44
CA ALA A 752 10.82 -25.63 -20.99
C ALA A 752 11.60 -26.60 -21.86
N ARG A 753 11.67 -27.85 -21.42
CA ARG A 753 12.36 -28.95 -22.11
C ARG A 753 11.72 -29.17 -23.45
N ILE A 754 10.40 -29.29 -23.34
CA ILE A 754 9.45 -29.50 -24.42
C ILE A 754 9.57 -28.40 -25.45
N GLU A 755 9.63 -27.20 -24.95
CA GLU A 755 9.74 -26.06 -25.80
C GLU A 755 11.05 -26.29 -26.54
N GLU A 756 12.02 -26.83 -25.74
CA GLU A 756 13.42 -27.15 -26.10
C GLU A 756 13.62 -28.30 -27.08
N ALA A 757 12.53 -28.91 -27.57
CA ALA A 757 12.51 -30.04 -28.52
C ALA A 757 12.58 -29.66 -30.04
N ARG A 758 13.08 -30.62 -30.89
CA ARG A 758 13.23 -30.43 -32.35
C ARG A 758 11.95 -30.71 -33.14
N GLU A 759 11.71 -29.86 -34.15
CA GLU A 759 10.53 -30.00 -34.99
C GLU A 759 10.67 -31.10 -36.10
#